data_6NX3
#
_entry.id   6NX3
#
_cell.length_a   99.150
_cell.length_b   46.317
_cell.length_c   118.903
_cell.angle_alpha   90.00
_cell.angle_beta   100.65
_cell.angle_gamma   90.00
#
_symmetry.space_group_name_H-M   'P 1 21 1'
#
loop_
_entity.id
_entity.type
_entity.pdbx_description
1 polymer 'Transcriptional regulator BgaR'
2 branched beta-D-galactopyranose-(1-4)-beta-D-glucopyranose
3 water water
#
_entity_poly.entity_id   1
_entity_poly.type   'polypeptide(L)'
_entity_poly.pdbx_seq_one_letter_code
;MQILWKKYVKENFEMNVDECGIEQGIPGLGYNYEVLKNAVIHYVTKGYGTFKFNGKVYNLKQGDIFILLKGMQVEYVASI
DDPWEYYWIGFSGSNANEYLNRTSITNSCVANCEENSKIPQIILNMCEISKTYNPSRSDDILLLKELYSLLYALIEEFPK
PFEYKDKELHLVPRGSHHHHHH
;
_entity_poly.pdbx_strand_id   A,B,C,D,E,F
#
loop_
_chem_comp.id
_chem_comp.type
_chem_comp.name
_chem_comp.formula
BGC D-saccharide, beta linking beta-D-glucopyranose 'C6 H12 O6'
GAL D-saccharide, beta linking beta-D-galactopyranose 'C6 H12 O6'
#
# COMPACT_ATOMS: atom_id res chain seq x y z
N LEU A 4 22.80 -13.27 -7.43
CA LEU A 4 21.43 -13.34 -6.80
C LEU A 4 21.12 -11.97 -6.19
N TRP A 5 19.93 -11.42 -6.46
CA TRP A 5 19.38 -10.24 -5.74
C TRP A 5 17.86 -10.34 -5.77
N LYS A 6 17.31 -11.14 -4.86
CA LYS A 6 15.86 -11.40 -4.78
C LYS A 6 15.26 -10.40 -3.80
N LYS A 7 14.40 -9.48 -4.28
CA LYS A 7 13.65 -8.52 -3.44
C LYS A 7 12.23 -9.07 -3.22
N TYR A 8 11.80 -9.16 -1.96
CA TYR A 8 10.45 -9.64 -1.52
C TYR A 8 9.58 -8.42 -1.17
N VAL A 9 8.26 -8.60 -1.23
CA VAL A 9 7.24 -7.61 -0.77
C VAL A 9 7.45 -7.39 0.74
N LYS A 10 7.17 -6.18 1.21
CA LYS A 10 7.02 -5.86 2.66
C LYS A 10 5.62 -6.34 3.07
N GLU A 11 5.40 -7.66 3.10
CA GLU A 11 4.07 -8.25 3.37
C GLU A 11 3.88 -8.48 4.88
N ASN A 12 4.95 -8.54 5.67
CA ASN A 12 4.86 -8.75 7.15
C ASN A 12 5.42 -7.54 7.90
N PHE A 13 4.90 -7.25 9.09
CA PHE A 13 5.29 -6.07 9.89
C PHE A 13 5.94 -6.46 11.21
N GLU A 14 5.85 -7.71 11.66
CA GLU A 14 6.51 -8.14 12.91
C GLU A 14 7.89 -8.71 12.56
N MET A 15 7.96 -9.54 11.52
CA MET A 15 9.20 -10.17 11.02
C MET A 15 9.08 -10.35 9.52
N ASN A 16 10.04 -9.85 8.75
CA ASN A 16 9.95 -9.86 7.27
C ASN A 16 11.33 -10.10 6.65
N VAL A 17 11.43 -11.05 5.73
CA VAL A 17 12.62 -11.19 4.86
C VAL A 17 12.46 -10.24 3.69
N ASP A 18 13.26 -9.17 3.63
CA ASP A 18 13.15 -8.09 2.61
C ASP A 18 13.87 -8.51 1.33
N GLU A 19 15.05 -9.11 1.43
CA GLU A 19 15.85 -9.51 0.24
C GLU A 19 16.94 -10.48 0.67
N CYS A 20 17.37 -11.33 -0.25
CA CYS A 20 18.57 -12.18 -0.11
C CYS A 20 19.42 -11.92 -1.35
N GLY A 21 20.73 -11.85 -1.19
CA GLY A 21 21.62 -11.57 -2.33
C GLY A 21 22.97 -12.26 -2.18
N ILE A 22 23.64 -12.38 -3.31
CA ILE A 22 25.04 -12.88 -3.44
C ILE A 22 25.69 -11.98 -4.47
N GLU A 23 26.87 -11.44 -4.15
CA GLU A 23 27.60 -10.55 -5.08
C GLU A 23 29.08 -10.91 -5.02
N GLN A 24 29.65 -11.17 -6.19
CA GLN A 24 31.12 -11.20 -6.40
C GLN A 24 31.56 -9.78 -6.76
N GLY A 25 32.37 -9.19 -5.89
CA GLY A 25 32.88 -7.83 -6.07
C GLY A 25 33.84 -7.76 -7.27
N ILE A 26 33.87 -6.61 -7.91
CA ILE A 26 34.85 -6.26 -8.97
C ILE A 26 36.03 -5.59 -8.29
N PRO A 27 37.30 -5.94 -8.58
CA PRO A 27 38.45 -5.33 -7.90
C PRO A 27 38.39 -3.80 -7.81
N GLY A 28 38.50 -3.28 -6.59
CA GLY A 28 38.61 -1.84 -6.29
C GLY A 28 37.27 -1.12 -6.37
N LEU A 29 36.18 -1.81 -6.65
CA LEU A 29 34.84 -1.17 -6.81
C LEU A 29 33.94 -1.52 -5.62
N GLY A 30 33.05 -0.61 -5.27
CA GLY A 30 31.98 -0.93 -4.31
C GLY A 30 30.95 0.17 -4.27
N TYR A 31 30.50 0.51 -3.07
CA TYR A 31 29.28 1.28 -2.83
C TYR A 31 29.55 2.30 -1.73
N ASN A 32 28.98 3.50 -1.89
CA ASN A 32 29.14 4.63 -0.96
C ASN A 32 27.77 5.34 -0.89
N TYR A 33 27.03 5.20 0.20
CA TYR A 33 25.63 5.70 0.27
C TYR A 33 25.15 5.70 1.71
N GLU A 34 24.04 6.42 1.93
CA GLU A 34 23.29 6.42 3.19
C GLU A 34 22.29 5.26 3.11
N VAL A 35 22.34 4.35 4.08
CA VAL A 35 21.51 3.12 4.04
C VAL A 35 20.03 3.53 4.21
N LEU A 36 19.16 3.05 3.32
CA LEU A 36 17.70 3.30 3.34
C LEU A 36 16.95 2.09 3.89
N LYS A 37 17.48 0.88 3.71
CA LYS A 37 16.82 -0.36 4.18
C LYS A 37 16.91 -0.46 5.70
N ASN A 38 16.02 -1.23 6.33
CA ASN A 38 15.98 -1.38 7.80
C ASN A 38 17.30 -1.99 8.32
N ALA A 39 17.67 -3.17 7.83
CA ALA A 39 18.82 -3.93 8.37
C ALA A 39 19.27 -4.96 7.35
N VAL A 40 20.56 -5.02 7.09
CA VAL A 40 21.08 -5.94 6.06
C VAL A 40 22.38 -6.56 6.59
N ILE A 41 22.34 -7.84 6.89
CA ILE A 41 23.53 -8.58 7.39
C ILE A 41 24.26 -9.13 6.17
N HIS A 42 25.56 -8.86 6.07
CA HIS A 42 26.47 -9.33 5.01
C HIS A 42 27.45 -10.35 5.63
N TYR A 43 27.66 -11.47 4.94
CA TYR A 43 28.63 -12.51 5.34
C TYR A 43 29.67 -12.64 4.23
N VAL A 44 30.94 -12.45 4.54
CA VAL A 44 32.04 -12.55 3.54
C VAL A 44 32.43 -14.02 3.38
N THR A 45 32.22 -14.58 2.20
CA THR A 45 32.46 -16.03 1.92
C THR A 45 33.85 -16.24 1.33
N LYS A 46 34.42 -15.24 0.67
CA LYS A 46 35.73 -15.35 -0.03
C LYS A 46 36.37 -13.97 -0.09
N GLY A 47 37.70 -13.93 -0.12
CA GLY A 47 38.43 -12.72 -0.52
C GLY A 47 38.35 -11.63 0.53
N TYR A 48 38.54 -10.39 0.12
CA TYR A 48 38.87 -9.25 1.00
C TYR A 48 38.14 -8.01 0.51
N GLY A 49 37.75 -7.18 1.44
CA GLY A 49 37.23 -5.84 1.15
C GLY A 49 37.35 -4.93 2.34
N THR A 50 36.96 -3.68 2.19
CA THR A 50 37.02 -2.67 3.25
C THR A 50 35.60 -2.18 3.51
N PHE A 51 35.28 -1.94 4.77
CA PHE A 51 34.00 -1.39 5.25
C PHE A 51 34.31 -0.16 6.10
N LYS A 52 33.77 0.99 5.71
CA LYS A 52 34.08 2.29 6.33
C LYS A 52 32.78 2.89 6.84
N PHE A 53 32.77 3.25 8.11
CA PHE A 53 31.56 3.71 8.83
C PHE A 53 32.03 4.56 10.03
N ASN A 54 31.53 5.79 10.16
CA ASN A 54 31.76 6.67 11.34
C ASN A 54 33.26 6.87 11.58
N GLY A 55 34.05 7.04 10.53
CA GLY A 55 35.48 7.38 10.61
C GLY A 55 36.37 6.17 10.89
N LYS A 56 35.82 4.96 10.93
CA LYS A 56 36.63 3.71 11.07
C LYS A 56 36.70 3.00 9.73
N VAL A 57 37.82 2.33 9.47
CA VAL A 57 38.06 1.58 8.21
C VAL A 57 38.42 0.17 8.65
N TYR A 58 37.56 -0.80 8.32
CA TYR A 58 37.76 -2.24 8.64
C TYR A 58 38.22 -2.98 7.42
N ASN A 59 39.30 -3.77 7.54
CA ASN A 59 39.75 -4.70 6.48
C ASN A 59 39.08 -6.04 6.79
N LEU A 60 38.09 -6.43 5.99
CA LEU A 60 37.30 -7.65 6.25
C LEU A 60 37.74 -8.76 5.30
N LYS A 61 37.48 -9.99 5.72
CA LYS A 61 37.94 -11.20 5.01
C LYS A 61 36.92 -12.31 5.27
N GLN A 62 37.17 -13.47 4.69
CA GLN A 62 36.30 -14.65 4.79
C GLN A 62 35.92 -14.89 6.26
N GLY A 63 34.62 -15.03 6.55
CA GLY A 63 34.14 -15.35 7.91
C GLY A 63 33.70 -14.11 8.67
N ASP A 64 34.00 -12.90 8.16
CA ASP A 64 33.56 -11.63 8.79
C ASP A 64 32.10 -11.37 8.39
N ILE A 65 31.41 -10.65 9.26
CA ILE A 65 30.06 -10.10 9.02
C ILE A 65 30.13 -8.58 9.16
N PHE A 66 29.32 -7.88 8.38
CA PHE A 66 29.05 -6.46 8.62
C PHE A 66 27.56 -6.27 8.45
N ILE A 67 26.99 -5.33 9.21
N ILE A 67 26.99 -5.33 9.21
CA ILE A 67 25.52 -5.10 9.16
CA ILE A 67 25.53 -5.08 9.15
C ILE A 67 25.29 -3.63 8.79
C ILE A 67 25.30 -3.62 8.79
N LEU A 68 24.38 -3.40 7.84
CA LEU A 68 23.95 -2.05 7.43
C LEU A 68 22.63 -1.78 8.14
N LEU A 69 22.50 -0.62 8.76
CA LEU A 69 21.24 -0.19 9.42
C LEU A 69 20.82 1.16 8.83
N LYS A 70 19.51 1.35 8.71
CA LYS A 70 18.92 2.59 8.17
C LYS A 70 19.65 3.79 8.78
N GLY A 71 20.07 4.71 7.92
CA GLY A 71 20.66 6.00 8.33
C GLY A 71 22.17 5.99 8.33
N MET A 72 22.81 4.80 8.33
CA MET A 72 24.29 4.71 8.36
C MET A 72 24.82 5.23 7.02
N GLN A 73 25.84 6.09 7.06
CA GLN A 73 26.62 6.50 5.87
C GLN A 73 27.80 5.53 5.77
N VAL A 74 27.84 4.72 4.72
CA VAL A 74 28.80 3.58 4.62
C VAL A 74 29.50 3.66 3.28
N GLU A 75 30.69 3.05 3.23
CA GLU A 75 31.39 2.74 1.98
C GLU A 75 31.95 1.33 2.14
N TYR A 76 31.69 0.46 1.18
CA TYR A 76 32.30 -0.89 1.19
C TYR A 76 32.75 -1.23 -0.21
N VAL A 77 34.00 -1.67 -0.31
CA VAL A 77 34.79 -1.75 -1.58
C VAL A 77 35.57 -3.07 -1.59
N ALA A 78 35.46 -3.81 -2.67
CA ALA A 78 36.22 -5.05 -2.92
C ALA A 78 37.72 -4.71 -3.06
N SER A 79 38.56 -5.58 -2.53
CA SER A 79 40.04 -5.45 -2.63
C SER A 79 40.47 -5.60 -4.09
N ILE A 80 41.55 -4.92 -4.46
CA ILE A 80 42.18 -4.98 -5.81
C ILE A 80 42.76 -6.38 -6.03
N ASP A 81 43.39 -6.97 -5.02
CA ASP A 81 44.19 -8.21 -5.17
C ASP A 81 43.33 -9.48 -5.19
N ASP A 82 42.27 -9.53 -4.38
CA ASP A 82 41.44 -10.73 -4.18
C ASP A 82 40.05 -10.27 -3.76
N PRO A 83 39.21 -9.81 -4.71
CA PRO A 83 37.93 -9.17 -4.37
C PRO A 83 36.95 -10.14 -3.69
N TRP A 84 36.29 -9.63 -2.66
CA TRP A 84 35.38 -10.45 -1.83
C TRP A 84 34.15 -10.89 -2.64
N GLU A 85 33.63 -12.04 -2.23
CA GLU A 85 32.24 -12.45 -2.45
C GLU A 85 31.50 -12.28 -1.11
N TYR A 86 30.28 -11.79 -1.13
CA TYR A 86 29.45 -11.74 0.10
C TYR A 86 28.00 -12.14 -0.21
N TYR A 87 27.37 -12.70 0.80
CA TYR A 87 25.95 -13.08 0.86
C TYR A 87 25.28 -12.10 1.81
N TRP A 88 24.06 -11.70 1.54
CA TRP A 88 23.34 -10.78 2.44
C TRP A 88 21.89 -11.16 2.61
N ILE A 89 21.39 -10.88 3.81
CA ILE A 89 19.96 -11.02 4.21
C ILE A 89 19.50 -9.64 4.66
N GLY A 90 18.54 -9.07 3.95
CA GLY A 90 17.86 -7.84 4.36
C GLY A 90 16.58 -8.21 5.10
N PHE A 91 16.33 -7.63 6.27
CA PHE A 91 15.12 -7.94 7.05
C PHE A 91 14.61 -6.70 7.78
N SER A 92 13.36 -6.78 8.23
CA SER A 92 12.61 -5.67 8.87
C SER A 92 11.51 -6.22 9.78
N GLY A 93 10.84 -5.34 10.51
CA GLY A 93 9.72 -5.69 11.40
C GLY A 93 10.00 -5.27 12.83
N SER A 94 8.95 -5.10 13.61
CA SER A 94 9.04 -4.68 15.03
C SER A 94 9.73 -5.77 15.86
N ASN A 95 9.51 -7.06 15.58
CA ASN A 95 10.19 -8.14 16.33
C ASN A 95 11.68 -8.10 15.97
N ALA A 96 11.99 -8.09 14.68
CA ALA A 96 13.37 -8.02 14.15
C ALA A 96 14.17 -6.95 14.89
N ASN A 97 13.63 -5.73 14.99
CA ASN A 97 14.38 -4.58 15.57
C ASN A 97 14.53 -4.80 17.07
N GLU A 98 13.52 -5.37 17.75
CA GLU A 98 13.68 -5.68 19.19
C GLU A 98 14.80 -6.70 19.35
N TYR A 99 14.85 -7.74 18.52
CA TYR A 99 15.84 -8.84 18.68
C TYR A 99 17.26 -8.29 18.41
N LEU A 100 17.41 -7.36 17.48
CA LEU A 100 18.72 -6.73 17.17
C LEU A 100 19.28 -6.01 18.40
N ASN A 101 18.42 -5.47 19.27
CA ASN A 101 18.81 -4.79 20.52
C ASN A 101 19.25 -5.81 21.58
N ARG A 102 19.16 -7.12 21.31
CA ARG A 102 19.63 -8.13 22.28
C ARG A 102 21.05 -8.61 21.92
N THR A 103 21.66 -8.09 20.87
CA THR A 103 23.00 -8.56 20.42
C THR A 103 23.96 -7.37 20.46
N SER A 104 25.24 -7.64 20.72
CA SER A 104 26.31 -6.62 20.75
C SER A 104 26.76 -6.27 19.32
N ILE A 105 26.32 -7.00 18.28
CA ILE A 105 26.90 -6.77 16.91
C ILE A 105 26.44 -5.41 16.40
N THR A 106 25.29 -4.90 16.82
CA THR A 106 24.78 -3.57 16.36
C THR A 106 25.59 -2.43 16.99
N ASN A 107 26.49 -2.69 17.95
CA ASN A 107 27.36 -1.65 18.57
C ASN A 107 28.38 -1.13 17.52
N SER A 108 29.22 -2.01 16.96
CA SER A 108 30.25 -1.64 15.94
C SER A 108 29.81 -2.01 14.51
N CYS A 109 28.87 -2.93 14.36
CA CYS A 109 28.31 -3.37 13.04
C CYS A 109 29.31 -4.26 12.28
N VAL A 110 30.32 -4.79 12.97
CA VAL A 110 31.31 -5.71 12.37
C VAL A 110 31.54 -6.85 13.34
N ALA A 111 31.73 -8.06 12.86
CA ALA A 111 32.10 -9.18 13.74
C ALA A 111 32.81 -10.25 12.93
N ASN A 112 33.43 -11.19 13.62
CA ASN A 112 34.02 -12.41 13.03
C ASN A 112 33.24 -13.62 13.54
N CYS A 113 32.81 -14.52 12.64
CA CYS A 113 32.15 -15.79 13.04
C CYS A 113 33.18 -16.73 13.65
N GLU A 114 32.96 -17.19 14.89
N GLU A 114 32.95 -17.19 14.89
CA GLU A 114 33.89 -18.14 15.56
CA GLU A 114 33.79 -18.18 15.59
C GLU A 114 33.74 -19.52 14.86
C GLU A 114 33.73 -19.52 14.84
N GLU A 115 34.72 -20.39 15.08
CA GLU A 115 34.89 -21.68 14.34
C GLU A 115 33.58 -22.48 14.29
N ASN A 116 32.84 -22.53 15.40
N ASN A 116 32.84 -22.56 15.40
CA ASN A 116 31.66 -23.43 15.52
CA ASN A 116 31.66 -23.45 15.47
C ASN A 116 30.37 -22.62 15.30
C ASN A 116 30.37 -22.62 15.30
N SER A 117 30.46 -21.43 14.67
CA SER A 117 29.30 -20.56 14.44
C SER A 117 28.23 -21.26 13.60
N LYS A 118 26.95 -21.04 13.92
CA LYS A 118 25.80 -21.50 13.11
C LYS A 118 25.39 -20.47 12.06
N ILE A 119 25.98 -19.28 12.10
CA ILE A 119 25.52 -18.15 11.25
C ILE A 119 25.76 -18.45 9.77
N PRO A 120 26.97 -18.90 9.35
CA PRO A 120 27.24 -19.08 7.93
C PRO A 120 26.23 -20.02 7.26
N GLN A 121 25.91 -21.14 7.90
CA GLN A 121 25.04 -22.19 7.29
C GLN A 121 23.63 -21.60 7.09
N ILE A 122 23.15 -20.81 8.05
CA ILE A 122 21.79 -20.19 7.97
C ILE A 122 21.75 -19.19 6.80
N ILE A 123 22.75 -18.32 6.69
CA ILE A 123 22.75 -17.27 5.64
C ILE A 123 22.83 -17.95 4.28
N LEU A 124 23.70 -18.96 4.15
CA LEU A 124 23.87 -19.67 2.86
C LEU A 124 22.55 -20.35 2.51
N ASN A 125 21.89 -20.98 3.48
CA ASN A 125 20.63 -21.70 3.22
C ASN A 125 19.53 -20.72 2.76
N MET A 126 19.43 -19.55 3.39
CA MET A 126 18.42 -18.53 3.01
C MET A 126 18.66 -18.07 1.56
N CYS A 127 19.92 -17.82 1.18
CA CYS A 127 20.26 -17.37 -0.20
C CYS A 127 19.96 -18.51 -1.20
N GLU A 128 20.23 -19.77 -0.84
CA GLU A 128 19.90 -20.95 -1.68
C GLU A 128 18.38 -21.05 -1.92
N ILE A 129 17.58 -20.99 -0.87
CA ILE A 129 16.08 -21.01 -0.98
C ILE A 129 15.62 -19.89 -1.92
N SER A 130 16.19 -18.71 -1.79
CA SER A 130 15.80 -17.49 -2.55
C SER A 130 16.05 -17.67 -4.04
N LYS A 131 17.05 -18.47 -4.44
CA LYS A 131 17.37 -18.70 -5.88
C LYS A 131 16.18 -19.31 -6.62
N THR A 132 15.43 -20.22 -5.99
CA THR A 132 14.28 -20.94 -6.62
C THR A 132 13.02 -20.70 -5.80
N TYR A 133 12.90 -19.52 -5.21
CA TYR A 133 11.80 -19.16 -4.28
C TYR A 133 10.47 -19.52 -4.93
N ASN A 134 9.69 -20.36 -4.27
CA ASN A 134 8.34 -20.77 -4.76
C ASN A 134 7.37 -20.69 -3.60
N PRO A 135 6.53 -19.62 -3.52
CA PRO A 135 5.62 -19.46 -2.39
C PRO A 135 4.52 -20.54 -2.34
N SER A 136 4.13 -21.10 -3.49
CA SER A 136 3.11 -22.19 -3.55
C SER A 136 3.65 -23.45 -2.84
N ARG A 137 4.97 -23.60 -2.70
CA ARG A 137 5.62 -24.71 -1.96
C ARG A 137 6.01 -24.26 -0.53
N SER A 138 5.51 -23.11 -0.08
CA SER A 138 5.67 -22.57 1.30
C SER A 138 7.11 -22.18 1.61
N ASP A 139 7.90 -21.81 0.59
CA ASP A 139 9.26 -21.25 0.81
C ASP A 139 9.18 -19.98 1.68
N ASP A 140 8.07 -19.24 1.66
CA ASP A 140 7.88 -18.06 2.54
C ASP A 140 7.98 -18.46 4.03
N ILE A 141 7.38 -19.58 4.42
CA ILE A 141 7.42 -20.07 5.83
C ILE A 141 8.86 -20.46 6.15
N LEU A 142 9.52 -21.17 5.25
CA LEU A 142 10.91 -21.65 5.45
C LEU A 142 11.83 -20.45 5.67
N LEU A 143 11.70 -19.40 4.86
CA LEU A 143 12.57 -18.18 5.01
C LEU A 143 12.32 -17.51 6.36
N LEU A 144 11.08 -17.42 6.84
CA LEU A 144 10.80 -16.82 8.17
C LEU A 144 11.40 -17.69 9.27
N LYS A 145 11.23 -19.01 9.19
N LYS A 145 11.22 -19.01 9.18
CA LYS A 145 11.85 -19.95 10.16
CA LYS A 145 11.85 -19.93 10.15
C LYS A 145 13.35 -19.65 10.23
C LYS A 145 13.35 -19.65 10.23
N GLU A 146 14.00 -19.49 9.08
CA GLU A 146 15.47 -19.30 9.01
C GLU A 146 15.85 -17.93 9.56
N LEU A 147 15.01 -16.91 9.35
CA LEU A 147 15.29 -15.55 9.90
C LEU A 147 15.23 -15.60 11.43
N TYR A 148 14.22 -16.24 12.02
CA TYR A 148 14.17 -16.43 13.50
C TYR A 148 15.44 -17.19 13.94
N SER A 149 15.87 -18.25 13.25
CA SER A 149 17.11 -19.00 13.59
C SER A 149 18.33 -18.09 13.54
N LEU A 150 18.40 -17.23 12.54
CA LEU A 150 19.55 -16.29 12.33
C LEU A 150 19.60 -15.32 13.53
N LEU A 151 18.48 -14.68 13.87
CA LEU A 151 18.48 -13.69 14.97
C LEU A 151 18.80 -14.39 16.29
N TYR A 152 18.30 -15.61 16.49
CA TYR A 152 18.64 -16.40 17.71
C TYR A 152 20.16 -16.65 17.75
N ALA A 153 20.76 -17.06 16.63
CA ALA A 153 22.20 -17.35 16.54
C ALA A 153 23.04 -16.09 16.82
N LEU A 154 22.62 -14.93 16.30
CA LEU A 154 23.33 -13.65 16.55
C LEU A 154 23.33 -13.37 18.06
N ILE A 155 22.17 -13.55 18.72
CA ILE A 155 22.06 -13.29 20.18
C ILE A 155 22.91 -14.29 20.97
N GLU A 156 22.90 -15.56 20.59
CA GLU A 156 23.66 -16.62 21.27
C GLU A 156 25.16 -16.34 21.11
N GLU A 157 25.62 -15.95 19.92
CA GLU A 157 27.08 -15.82 19.63
C GLU A 157 27.61 -14.43 19.96
N PHE A 158 26.74 -13.41 19.98
CA PHE A 158 27.11 -12.00 20.24
C PHE A 158 26.16 -11.41 21.29
N PRO A 159 26.14 -11.96 22.51
CA PRO A 159 25.19 -11.52 23.53
C PRO A 159 25.54 -10.13 24.10
N LYS A 160 24.53 -9.38 24.53
CA LYS A 160 24.74 -8.13 25.33
C LYS A 160 25.22 -8.49 26.73
N PRO A 161 26.05 -7.65 27.39
CA PRO A 161 26.70 -8.04 28.65
C PRO A 161 25.75 -8.05 29.87
N LEU B 4 -21.68 -6.53 4.98
CA LEU B 4 -23.04 -6.60 5.62
C LEU B 4 -23.36 -5.25 6.25
N TRP B 5 -24.55 -4.70 5.99
CA TRP B 5 -25.13 -3.56 6.75
C TRP B 5 -26.64 -3.70 6.70
N LYS B 6 -27.20 -4.52 7.60
CA LYS B 6 -28.65 -4.74 7.71
C LYS B 6 -29.21 -3.70 8.70
N LYS B 7 -30.05 -2.77 8.22
CA LYS B 7 -30.81 -1.81 9.06
C LYS B 7 -32.24 -2.37 9.28
N TYR B 8 -32.67 -2.45 10.54
CA TYR B 8 -34.02 -2.93 10.96
C TYR B 8 -34.88 -1.71 11.32
N VAL B 9 -36.21 -1.88 11.24
CA VAL B 9 -37.22 -0.88 11.70
C VAL B 9 -37.02 -0.69 13.21
N LYS B 10 -37.30 0.52 13.70
CA LYS B 10 -37.47 0.82 15.15
C LYS B 10 -38.85 0.32 15.57
N GLU B 11 -39.06 -1.00 15.57
CA GLU B 11 -40.40 -1.61 15.82
C GLU B 11 -40.60 -1.87 17.31
N ASN B 12 -39.53 -1.94 18.12
CA ASN B 12 -39.62 -2.15 19.60
C ASN B 12 -39.06 -0.94 20.34
N PHE B 13 -39.59 -0.63 21.52
CA PHE B 13 -39.19 0.56 22.31
C PHE B 13 -38.55 0.18 23.64
N GLU B 14 -38.64 -1.07 24.08
CA GLU B 14 -37.98 -1.50 25.34
C GLU B 14 -36.60 -2.08 25.02
N MET B 15 -36.53 -2.89 23.98
CA MET B 15 -35.29 -3.54 23.49
C MET B 15 -35.41 -3.72 21.98
N ASN B 16 -34.46 -3.21 21.21
CA ASN B 16 -34.53 -3.23 19.72
C ASN B 16 -33.15 -3.46 19.13
N VAL B 17 -33.05 -4.39 18.20
CA VAL B 17 -31.84 -4.55 17.34
C VAL B 17 -32.00 -3.57 16.16
N ASP B 18 -31.21 -2.50 16.13
CA ASP B 18 -31.33 -1.42 15.12
C ASP B 18 -30.61 -1.83 13.83
N GLU B 19 -29.42 -2.42 13.92
CA GLU B 19 -28.62 -2.82 12.74
C GLU B 19 -27.52 -3.80 13.16
N CYS B 20 -27.09 -4.63 12.24
CA CYS B 20 -25.91 -5.51 12.36
C CYS B 20 -25.06 -5.25 11.12
N GLY B 21 -23.75 -5.17 11.27
CA GLY B 21 -22.86 -4.89 10.13
C GLY B 21 -21.52 -5.58 10.27
N ILE B 22 -20.82 -5.68 9.14
CA ILE B 22 -19.43 -6.18 9.01
C ILE B 22 -18.76 -5.27 7.98
N GLU B 23 -17.59 -4.73 8.31
CA GLU B 23 -16.86 -3.84 7.39
C GLU B 23 -15.38 -4.17 7.46
N GLN B 24 -14.80 -4.45 6.30
CA GLN B 24 -13.33 -4.48 6.11
C GLN B 24 -12.87 -3.07 5.76
N GLY B 25 -12.06 -2.47 6.62
CA GLY B 25 -11.54 -1.12 6.45
C GLY B 25 -10.59 -1.02 5.26
N ILE B 26 -10.58 0.13 4.61
CA ILE B 26 -9.58 0.50 3.55
C ILE B 26 -8.42 1.19 4.26
N PRO B 27 -7.15 0.84 3.98
CA PRO B 27 -6.02 1.44 4.69
C PRO B 27 -6.06 2.96 4.80
N GLY B 28 -5.97 3.47 6.03
CA GLY B 28 -5.87 4.91 6.34
C GLY B 28 -7.20 5.64 6.25
N LEU B 29 -8.30 4.94 5.97
CA LEU B 29 -9.63 5.58 5.81
C LEU B 29 -10.53 5.23 6.99
N GLY B 30 -11.41 6.13 7.36
CA GLY B 30 -12.50 5.79 8.30
C GLY B 30 -13.53 6.87 8.34
N TYR B 31 -13.99 7.20 9.55
CA TYR B 31 -15.21 8.00 9.78
C TYR B 31 -14.92 9.03 10.87
N ASN B 32 -15.51 10.21 10.72
CA ASN B 32 -15.37 11.34 11.66
C ASN B 32 -16.73 12.02 11.73
N TYR B 33 -17.47 11.88 12.82
CA TYR B 33 -18.87 12.39 12.90
C TYR B 33 -19.35 12.37 14.34
N GLU B 34 -20.45 13.10 14.56
CA GLU B 34 -21.20 13.08 15.83
C GLU B 34 -22.19 11.92 15.75
N VAL B 35 -22.14 11.01 16.71
CA VAL B 35 -22.98 9.78 16.70
C VAL B 35 -24.46 10.22 16.86
N LEU B 36 -25.32 9.74 15.97
CA LEU B 36 -26.79 9.99 15.98
C LEU B 36 -27.53 8.76 16.53
N LYS B 37 -26.99 7.56 16.35
CA LYS B 37 -27.67 6.32 16.80
C LYS B 37 -27.58 6.21 18.31
N ASN B 38 -28.47 5.42 18.93
CA ASN B 38 -28.50 5.24 20.40
C ASN B 38 -27.18 4.64 20.91
N ALA B 39 -26.80 3.47 20.40
CA ALA B 39 -25.64 2.72 20.92
C ALA B 39 -25.21 1.71 19.88
N VAL B 40 -23.91 1.64 19.62
CA VAL B 40 -23.40 0.72 18.58
C VAL B 40 -22.10 0.11 19.12
N ILE B 41 -22.14 -1.18 19.42
CA ILE B 41 -20.96 -1.93 19.89
C ILE B 41 -20.21 -2.48 18.68
N HIS B 42 -18.91 -2.20 18.60
CA HIS B 42 -18.00 -2.68 17.53
C HIS B 42 -17.03 -3.70 18.13
N TYR B 43 -16.81 -4.81 17.43
CA TYR B 43 -15.86 -5.86 17.83
C TYR B 43 -14.81 -5.98 16.71
N VAL B 44 -13.53 -5.80 17.03
CA VAL B 44 -12.45 -5.89 16.01
C VAL B 44 -12.05 -7.36 15.84
N THR B 45 -12.25 -7.92 14.65
CA THR B 45 -12.01 -9.37 14.38
C THR B 45 -10.62 -9.56 13.77
N LYS B 46 -10.05 -8.55 13.11
CA LYS B 46 -8.75 -8.66 12.42
C LYS B 46 -8.11 -7.28 12.38
N GLY B 47 -6.78 -7.24 12.36
CA GLY B 47 -6.06 -6.01 12.01
C GLY B 47 -6.15 -4.93 13.07
N TYR B 48 -5.97 -3.70 12.67
CA TYR B 48 -5.64 -2.56 13.56
C TYR B 48 -6.36 -1.31 13.06
N GLY B 49 -6.77 -0.50 14.01
CA GLY B 49 -7.26 0.86 13.72
C GLY B 49 -7.15 1.74 14.93
N THR B 50 -7.52 3.01 14.77
N THR B 50 -7.52 3.01 14.77
CA THR B 50 -7.47 4.01 15.85
CA THR B 50 -7.48 4.02 15.85
C THR B 50 -8.91 4.50 16.11
C THR B 50 -8.91 4.50 16.11
N PHE B 51 -9.21 4.73 17.38
CA PHE B 51 -10.50 5.27 17.86
C PHE B 51 -10.17 6.49 18.72
N LYS B 52 -10.71 7.64 18.34
CA LYS B 52 -10.39 8.94 18.95
C LYS B 52 -11.71 9.55 19.45
N PHE B 53 -11.71 9.93 20.72
CA PHE B 53 -12.94 10.35 21.45
C PHE B 53 -12.48 11.20 22.65
N ASN B 54 -12.99 12.42 22.78
CA ASN B 54 -12.80 13.29 23.97
C ASN B 54 -11.30 13.47 24.27
N GLY B 55 -10.48 13.66 23.23
CA GLY B 55 -9.05 14.00 23.36
C GLY B 55 -8.18 12.79 23.65
N LYS B 56 -8.73 11.57 23.63
CA LYS B 56 -7.91 10.33 23.77
C LYS B 56 -7.82 9.62 22.42
N VAL B 57 -6.69 8.96 22.16
CA VAL B 57 -6.44 8.23 20.89
C VAL B 57 -6.09 6.80 21.29
N TYR B 58 -6.94 5.85 20.95
CA TYR B 58 -6.76 4.40 21.26
C TYR B 58 -6.29 3.65 20.00
N ASN B 59 -5.22 2.87 20.12
CA ASN B 59 -4.75 1.96 19.05
C ASN B 59 -5.40 0.60 19.33
N LEU B 60 -6.40 0.21 18.55
CA LEU B 60 -7.19 -1.01 18.81
C LEU B 60 -6.80 -2.11 17.84
N LYS B 61 -7.03 -3.34 18.26
CA LYS B 61 -6.59 -4.54 17.51
C LYS B 61 -7.59 -5.67 17.76
N GLN B 62 -7.34 -6.83 17.17
CA GLN B 62 -8.20 -8.01 17.26
C GLN B 62 -8.59 -8.26 18.72
N GLY B 63 -9.89 -8.40 19.01
CA GLY B 63 -10.39 -8.72 20.35
C GLY B 63 -10.81 -7.49 21.14
N ASP B 64 -10.50 -6.29 20.66
CA ASP B 64 -10.93 -5.02 21.30
C ASP B 64 -12.39 -4.74 20.90
N ILE B 65 -13.09 -4.04 21.79
CA ILE B 65 -14.43 -3.49 21.54
C ILE B 65 -14.37 -1.98 21.71
N PHE B 66 -15.17 -1.27 20.94
CA PHE B 66 -15.43 0.16 21.19
C PHE B 66 -16.93 0.36 21.02
N ILE B 67 -17.50 1.29 21.78
N ILE B 67 -17.49 1.30 21.78
CA ILE B 67 -18.96 1.53 21.73
CA ILE B 67 -18.95 1.54 21.74
C ILE B 67 -19.19 3.00 21.38
C ILE B 67 -19.19 3.01 21.38
N LEU B 68 -20.09 3.25 20.44
CA LEU B 68 -20.51 4.60 20.02
C LEU B 68 -21.83 4.87 20.75
N LEU B 69 -21.96 6.02 21.38
CA LEU B 69 -23.22 6.42 22.04
C LEU B 69 -23.66 7.78 21.50
N LYS B 70 -24.97 7.98 21.38
CA LYS B 70 -25.56 9.21 20.82
C LYS B 70 -24.84 10.41 21.44
N GLY B 71 -24.42 11.34 20.59
CA GLY B 71 -23.83 12.62 21.03
C GLY B 71 -22.32 12.60 21.00
N MET B 72 -21.67 11.43 21.00
CA MET B 72 -20.19 11.36 21.00
C MET B 72 -19.65 11.87 19.65
N GLN B 73 -18.65 12.74 19.70
CA GLN B 73 -17.86 13.15 18.50
C GLN B 73 -16.68 12.18 18.38
N VAL B 74 -16.65 11.38 17.34
CA VAL B 74 -15.70 10.23 17.23
C VAL B 74 -14.99 10.30 15.89
N GLU B 75 -13.81 9.71 15.85
CA GLU B 75 -13.09 9.43 14.60
C GLU B 75 -12.52 8.02 14.75
N TYR B 76 -12.78 7.16 13.79
CA TYR B 76 -12.18 5.80 13.79
C TYR B 76 -11.74 5.46 12.38
N VAL B 77 -10.49 5.02 12.28
CA VAL B 77 -9.70 4.97 11.03
C VAL B 77 -8.91 3.65 11.00
N ALA B 78 -9.00 2.92 9.90
CA ALA B 78 -8.25 1.69 9.66
C ALA B 78 -6.74 2.03 9.54
N SER B 79 -5.91 1.15 10.06
CA SER B 79 -4.44 1.28 9.97
C SER B 79 -4.00 1.14 8.51
N ILE B 80 -2.90 1.80 8.16
CA ILE B 80 -2.28 1.76 6.81
C ILE B 80 -1.72 0.35 6.57
N ASP B 81 -1.07 -0.24 7.57
CA ASP B 81 -0.27 -1.49 7.37
C ASP B 81 -1.14 -2.75 7.37
N ASP B 82 -2.19 -2.79 8.19
CA ASP B 82 -3.01 -4.02 8.41
C ASP B 82 -4.43 -3.58 8.79
N PRO B 83 -5.26 -3.10 7.85
CA PRO B 83 -6.51 -2.45 8.17
C PRO B 83 -7.51 -3.39 8.83
N TRP B 84 -8.18 -2.89 9.87
CA TRP B 84 -9.09 -3.73 10.68
C TRP B 84 -10.31 -4.16 9.88
N GLU B 85 -10.83 -5.31 10.28
CA GLU B 85 -12.23 -5.73 10.03
C GLU B 85 -12.96 -5.59 11.36
N TYR B 86 -14.19 -5.08 11.36
CA TYR B 86 -15.02 -5.05 12.58
C TYR B 86 -16.47 -5.45 12.26
N TYR B 87 -17.10 -6.02 13.27
CA TYR B 87 -18.53 -6.40 13.32
C TYR B 87 -19.19 -5.43 14.28
N TRP B 88 -20.42 -5.03 14.01
CA TRP B 88 -21.12 -4.11 14.92
C TRP B 88 -22.58 -4.50 15.09
N ILE B 89 -23.09 -4.22 16.28
CA ILE B 89 -24.51 -4.37 16.69
C ILE B 89 -24.97 -2.98 17.16
N GLY B 90 -25.93 -2.41 16.44
CA GLY B 90 -26.61 -1.18 16.87
C GLY B 90 -27.88 -1.57 17.61
N PHE B 91 -28.13 -0.98 18.78
CA PHE B 91 -29.34 -1.31 19.57
C PHE B 91 -29.85 -0.07 20.31
N SER B 92 -31.10 -0.15 20.75
CA SER B 92 -31.85 0.95 21.40
C SER B 92 -32.95 0.38 22.30
N GLY B 93 -33.62 1.27 23.02
CA GLY B 93 -34.75 0.94 23.91
C GLY B 93 -34.48 1.33 25.33
N SER B 94 -35.54 1.52 26.09
CA SER B 94 -35.46 1.93 27.53
C SER B 94 -34.77 0.83 28.36
N ASN B 95 -34.99 -0.45 28.06
CA ASN B 95 -34.32 -1.56 28.81
C ASN B 95 -32.83 -1.52 28.46
N ALA B 96 -32.51 -1.50 27.17
CA ALA B 96 -31.13 -1.45 26.65
C ALA B 96 -30.33 -0.36 27.41
N ASN B 97 -30.86 0.85 27.53
CA ASN B 97 -30.10 1.98 28.11
C ASN B 97 -29.97 1.76 29.62
N GLU B 98 -30.98 1.18 30.28
CA GLU B 98 -30.82 0.85 31.73
C GLU B 98 -29.69 -0.17 31.87
N TYR B 99 -29.65 -1.20 31.03
CA TYR B 99 -28.66 -2.30 31.17
C TYR B 99 -27.24 -1.76 30.91
N LEU B 100 -27.09 -0.82 29.99
CA LEU B 100 -25.77 -0.20 29.68
C LEU B 100 -25.19 0.50 30.93
N ASN B 101 -26.05 1.04 31.80
CA ASN B 101 -25.64 1.71 33.06
C ASN B 101 -25.22 0.66 34.11
N ARG B 102 -25.33 -0.64 33.83
CA ARG B 102 -24.88 -1.69 34.78
C ARG B 102 -23.48 -2.18 34.43
N THR B 103 -22.86 -1.65 33.37
CA THR B 103 -21.52 -2.12 32.94
C THR B 103 -20.54 -0.95 33.02
N SER B 104 -19.26 -1.23 33.27
CA SER B 104 -18.18 -0.21 33.30
C SER B 104 -17.73 0.16 31.89
N ILE B 105 -18.19 -0.53 30.85
CA ILE B 105 -17.67 -0.37 29.46
C ILE B 105 -18.03 1.04 28.96
N THR B 106 -19.17 1.58 29.39
CA THR B 106 -19.67 2.90 28.91
C THR B 106 -18.86 4.04 29.55
N ASN B 107 -17.97 3.77 30.52
CA ASN B 107 -17.13 4.80 31.18
C ASN B 107 -16.11 5.36 30.18
N SER B 108 -15.27 4.52 29.58
CA SER B 108 -14.26 4.91 28.55
C SER B 108 -14.71 4.55 27.12
N CYS B 109 -15.65 3.61 26.95
CA CYS B 109 -16.20 3.19 25.64
C CYS B 109 -15.18 2.32 24.88
N VAL B 110 -14.17 1.78 25.56
CA VAL B 110 -13.18 0.86 24.95
C VAL B 110 -12.97 -0.29 25.92
N ALA B 111 -12.77 -1.49 25.43
CA ALA B 111 -12.43 -2.62 26.30
C ALA B 111 -11.75 -3.70 25.48
N ASN B 112 -11.15 -4.67 26.16
CA ASN B 112 -10.54 -5.86 25.54
C ASN B 112 -11.33 -7.09 26.00
N CYS B 113 -11.75 -7.96 25.08
CA CYS B 113 -12.40 -9.25 25.42
C CYS B 113 -11.35 -10.20 26.02
N GLU B 114 -11.58 -10.71 27.24
N GLU B 114 -11.60 -10.71 27.23
CA GLU B 114 -10.67 -11.69 27.87
CA GLU B 114 -10.76 -11.72 27.90
C GLU B 114 -10.80 -13.02 27.11
C GLU B 114 -10.81 -13.03 27.10
N GLU B 115 -9.84 -13.92 27.33
CA GLU B 115 -9.64 -15.16 26.53
C GLU B 115 -10.93 -15.98 26.43
N ASN B 116 -11.67 -16.09 27.52
N ASN B 116 -11.69 -16.13 27.52
CA ASN B 116 -12.85 -16.99 27.61
CA ASN B 116 -12.87 -17.04 27.51
C ASN B 116 -14.14 -16.15 27.44
C ASN B 116 -14.14 -16.16 27.43
N SER B 117 -14.06 -14.95 26.86
CA SER B 117 -15.23 -14.06 26.70
C SER B 117 -16.31 -14.74 25.85
N LYS B 118 -17.58 -14.52 26.19
CA LYS B 118 -18.73 -14.99 25.37
C LYS B 118 -19.15 -13.93 24.34
N ILE B 119 -18.56 -12.75 24.38
CA ILE B 119 -19.01 -11.60 23.54
C ILE B 119 -18.77 -11.89 22.07
N PRO B 120 -17.56 -12.34 21.64
CA PRO B 120 -17.29 -12.51 20.20
C PRO B 120 -18.31 -13.44 19.54
N GLN B 121 -18.63 -14.58 20.16
CA GLN B 121 -19.51 -15.60 19.55
C GLN B 121 -20.92 -15.00 19.37
N ILE B 122 -21.39 -14.21 20.33
CA ILE B 122 -22.75 -13.60 20.26
C ILE B 122 -22.78 -12.59 19.10
N ILE B 123 -21.78 -11.71 19.02
CA ILE B 123 -21.77 -10.65 17.97
C ILE B 123 -21.70 -11.32 16.61
N LEU B 124 -20.83 -12.31 16.46
CA LEU B 124 -20.65 -13.02 15.16
C LEU B 124 -21.97 -13.71 14.80
N ASN B 125 -22.62 -14.34 15.76
CA ASN B 125 -23.90 -15.06 15.50
C ASN B 125 -24.98 -14.07 15.06
N MET B 126 -25.10 -12.90 15.71
CA MET B 126 -26.11 -11.87 15.33
C MET B 126 -25.85 -11.41 13.90
N CYS B 127 -24.60 -11.15 13.52
CA CYS B 127 -24.25 -10.71 12.14
C CYS B 127 -24.56 -11.83 11.14
N GLU B 128 -24.29 -13.09 11.47
CA GLU B 128 -24.63 -14.26 10.60
C GLU B 128 -26.15 -14.36 10.39
N ILE B 129 -26.95 -14.29 11.44
CA ILE B 129 -28.45 -14.32 11.33
C ILE B 129 -28.90 -13.19 10.40
N SER B 130 -28.32 -12.00 10.56
CA SER B 130 -28.70 -10.77 9.80
C SER B 130 -28.46 -10.96 8.31
N LYS B 131 -27.45 -11.73 7.90
CA LYS B 131 -27.12 -11.96 6.46
C LYS B 131 -28.31 -12.58 5.71
N THR B 132 -29.08 -13.48 6.33
CA THR B 132 -30.22 -14.18 5.68
C THR B 132 -31.50 -13.94 6.49
N TYR B 133 -31.61 -12.76 7.08
CA TYR B 133 -32.70 -12.41 8.03
C TYR B 133 -34.04 -12.76 7.38
N ASN B 134 -34.81 -13.61 8.04
CA ASN B 134 -36.16 -14.03 7.56
C ASN B 134 -37.14 -13.95 8.72
N PRO B 135 -37.96 -12.88 8.83
CA PRO B 135 -38.88 -12.75 9.96
C PRO B 135 -39.97 -13.84 9.97
N SER B 136 -40.38 -14.37 8.82
CA SER B 136 -41.38 -15.47 8.73
C SER B 136 -40.84 -16.74 9.42
N ARG B 137 -39.51 -16.89 9.56
CA ARG B 137 -38.87 -18.01 10.31
C ARG B 137 -38.50 -17.58 11.73
N SER B 138 -39.00 -16.43 12.20
CA SER B 138 -38.85 -15.91 13.58
C SER B 138 -37.38 -15.53 13.89
N ASP B 139 -36.60 -15.15 12.88
CA ASP B 139 -35.24 -14.57 13.11
C ASP B 139 -35.33 -13.32 14.00
N ASP B 140 -36.44 -12.58 13.98
CA ASP B 140 -36.64 -11.40 14.87
C ASP B 140 -36.56 -11.82 16.36
N ILE B 141 -37.14 -12.95 16.73
CA ILE B 141 -37.12 -13.46 18.12
C ILE B 141 -35.66 -13.83 18.46
N LEU B 142 -35.00 -14.53 17.55
CA LEU B 142 -33.62 -15.01 17.77
C LEU B 142 -32.69 -13.81 17.98
N LEU B 143 -32.83 -12.74 17.19
CA LEU B 143 -31.96 -11.53 17.34
C LEU B 143 -32.20 -10.87 18.71
N LEU B 144 -33.45 -10.78 19.19
CA LEU B 144 -33.73 -10.19 20.51
C LEU B 144 -33.14 -11.09 21.61
N LYS B 145 -33.30 -12.40 21.49
CA LYS B 145 -32.71 -13.34 22.46
C LYS B 145 -31.19 -13.05 22.55
N GLU B 146 -30.54 -12.90 21.40
CA GLU B 146 -29.06 -12.70 21.33
C GLU B 146 -28.70 -11.33 21.90
N LEU B 147 -29.53 -10.31 21.71
CA LEU B 147 -29.24 -8.96 22.27
C LEU B 147 -29.30 -9.02 23.79
N TYR B 148 -30.32 -9.67 24.39
CA TYR B 148 -30.36 -9.89 25.86
C TYR B 148 -29.08 -10.65 26.28
N SER B 149 -28.66 -11.69 25.58
CA SER B 149 -27.43 -12.46 25.91
C SER B 149 -26.20 -11.55 25.88
N LEU B 150 -26.12 -10.68 24.88
CA LEU B 150 -24.98 -9.73 24.69
C LEU B 150 -24.93 -8.76 25.89
N LEU B 151 -26.05 -8.14 26.25
CA LEU B 151 -26.03 -7.15 27.35
C LEU B 151 -25.73 -7.86 28.67
N TYR B 152 -26.23 -9.08 28.85
CA TYR B 152 -25.90 -9.89 30.04
C TYR B 152 -24.39 -10.13 30.10
N ALA B 153 -23.79 -10.53 28.97
CA ALA B 153 -22.33 -10.85 28.88
C ALA B 153 -21.50 -9.59 29.19
N LEU B 154 -21.91 -8.43 28.68
CA LEU B 154 -21.19 -7.16 28.97
C LEU B 154 -21.20 -6.90 30.47
N ILE B 155 -22.34 -7.07 31.12
CA ILE B 155 -22.46 -6.83 32.59
C ILE B 155 -21.62 -7.85 33.36
N GLU B 156 -21.63 -9.12 32.96
CA GLU B 156 -20.88 -10.19 33.62
C GLU B 156 -19.37 -9.92 33.46
N GLU B 157 -18.92 -9.51 32.29
CA GLU B 157 -17.46 -9.39 31.99
C GLU B 157 -16.93 -7.99 32.36
N PHE B 158 -17.79 -6.98 32.41
CA PHE B 158 -17.42 -5.58 32.69
C PHE B 158 -18.36 -5.01 33.75
N PRO B 159 -18.37 -5.59 34.98
CA PRO B 159 -19.30 -5.15 36.01
C PRO B 159 -18.95 -3.77 36.58
N LYS B 160 -19.96 -3.01 37.04
CA LYS B 160 -19.74 -1.77 37.83
C LYS B 160 -19.22 -2.12 39.22
N PRO B 161 -18.42 -1.25 39.88
CA PRO B 161 -17.90 -1.51 41.22
C PRO B 161 -18.92 -1.81 42.32
N LEU C 4 -9.58 -2.98 -23.88
CA LEU C 4 -8.12 -2.85 -24.14
C LEU C 4 -7.37 -3.91 -23.33
N TRP C 5 -6.44 -4.63 -23.96
CA TRP C 5 -5.43 -5.47 -23.28
C TRP C 5 -4.18 -5.52 -24.16
N LYS C 6 -3.33 -4.50 -24.06
CA LYS C 6 -2.07 -4.38 -24.83
C LYS C 6 -0.97 -5.04 -24.00
N LYS C 7 -0.39 -6.16 -24.49
CA LYS C 7 0.79 -6.83 -23.90
C LYS C 7 2.04 -6.38 -24.67
N TYR C 8 3.06 -5.90 -23.95
CA TYR C 8 4.37 -5.45 -24.50
C TYR C 8 5.43 -6.54 -24.24
N VAL C 9 6.48 -6.56 -25.07
CA VAL C 9 7.67 -7.44 -24.88
C VAL C 9 8.34 -7.05 -23.56
N LYS C 10 8.96 -8.03 -22.89
CA LYS C 10 9.88 -7.81 -21.73
C LYS C 10 11.22 -7.35 -22.32
N GLU C 11 11.27 -6.15 -22.91
CA GLU C 11 12.46 -5.65 -23.64
C GLU C 11 13.37 -4.88 -22.68
N ASN C 12 12.87 -4.40 -21.53
CA ASN C 12 13.69 -3.69 -20.51
C ASN C 12 13.73 -4.49 -19.21
N PHE C 13 14.84 -4.41 -18.47
CA PHE C 13 15.06 -5.20 -17.23
C PHE C 13 15.17 -4.31 -16.00
N GLU C 14 15.34 -2.99 -16.16
CA GLU C 14 15.39 -2.08 -15.00
C GLU C 14 14.00 -1.53 -14.72
N MET C 15 13.31 -1.13 -15.77
CA MET C 15 11.93 -0.56 -15.73
C MET C 15 11.23 -0.94 -17.03
N ASN C 16 10.07 -1.59 -16.94
CA ASN C 16 9.36 -2.11 -18.13
C ASN C 16 7.85 -1.98 -17.94
N VAL C 17 7.17 -1.41 -18.92
CA VAL C 17 5.68 -1.45 -19.01
C VAL C 17 5.31 -2.79 -19.65
N ASP C 18 4.73 -3.71 -18.88
CA ASP C 18 4.41 -5.10 -19.34
C ASP C 18 3.10 -5.09 -20.11
N GLU C 19 2.08 -4.39 -19.62
CA GLU C 19 0.75 -4.36 -20.26
C GLU C 19 -0.07 -3.19 -19.70
N CYS C 20 -1.00 -2.70 -20.49
CA CYS C 20 -2.03 -1.73 -20.06
C CYS C 20 -3.37 -2.31 -20.49
N GLY C 21 -4.39 -2.20 -19.65
CA GLY C 21 -5.71 -2.77 -19.97
C GLY C 21 -6.86 -1.96 -19.39
N ILE C 22 -8.05 -2.19 -19.93
CA ILE C 22 -9.34 -1.63 -19.48
C ILE C 22 -10.34 -2.77 -19.59
N GLU C 23 -11.10 -3.03 -18.52
CA GLU C 23 -12.09 -4.12 -18.52
C GLU C 23 -13.36 -3.61 -17.82
N GLN C 24 -14.48 -3.73 -18.51
CA GLN C 24 -15.83 -3.63 -17.91
C GLN C 24 -16.25 -5.02 -17.43
N GLY C 25 -16.41 -5.18 -16.12
CA GLY C 25 -16.80 -6.44 -15.48
C GLY C 25 -18.21 -6.86 -15.88
N ILE C 26 -18.44 -8.16 -15.97
CA ILE C 26 -19.79 -8.78 -16.13
C ILE C 26 -20.34 -9.05 -14.73
N PRO C 27 -21.59 -8.68 -14.40
CA PRO C 27 -22.11 -8.87 -13.04
C PRO C 27 -21.86 -10.25 -12.45
N GLY C 28 -21.24 -10.28 -11.27
CA GLY C 28 -21.02 -11.49 -10.46
C GLY C 28 -19.86 -12.33 -10.97
N LEU C 29 -19.15 -11.90 -12.00
CA LEU C 29 -18.05 -12.70 -12.60
C LEU C 29 -16.70 -12.03 -12.30
N GLY C 30 -15.65 -12.84 -12.15
CA GLY C 30 -14.29 -12.29 -12.12
C GLY C 30 -13.27 -13.39 -12.24
N TYR C 31 -12.22 -13.30 -11.43
CA TYR C 31 -10.99 -14.09 -11.61
C TYR C 31 -10.53 -14.61 -10.25
N ASN C 32 -10.00 -15.84 -10.26
CA ASN C 32 -9.52 -16.53 -9.05
C ASN C 32 -8.25 -17.28 -9.46
N TYR C 33 -7.06 -16.82 -9.08
CA TYR C 33 -5.80 -17.41 -9.59
C TYR C 33 -4.62 -16.94 -8.73
N GLU C 34 -3.50 -17.64 -8.90
CA GLU C 34 -2.20 -17.25 -8.34
C GLU C 34 -1.54 -16.30 -9.33
N VAL C 35 -1.18 -15.09 -8.89
CA VAL C 35 -0.61 -14.05 -9.78
C VAL C 35 0.76 -14.56 -10.30
N LEU C 36 0.96 -14.51 -11.61
CA LEU C 36 2.23 -14.88 -12.29
C LEU C 36 3.02 -13.64 -12.68
N LYS C 37 2.35 -12.52 -12.96
CA LYS C 37 3.03 -11.28 -13.41
C LYS C 37 3.74 -10.64 -12.22
N ASN C 38 4.74 -9.79 -12.49
CA ASN C 38 5.52 -9.10 -11.42
C ASN C 38 4.61 -8.22 -10.56
N ALA C 39 3.91 -7.27 -11.16
CA ALA C 39 3.11 -6.26 -10.41
C ALA C 39 2.09 -5.66 -11.35
N VAL C 40 0.85 -5.56 -10.88
CA VAL C 40 -0.24 -5.02 -11.73
C VAL C 40 -1.12 -4.12 -10.87
N ILE C 41 -1.06 -2.82 -11.12
CA ILE C 41 -1.88 -1.84 -10.39
C ILE C 41 -3.21 -1.68 -11.12
N HIS C 42 -4.32 -1.83 -10.40
CA HIS C 42 -5.70 -1.67 -10.91
C HIS C 42 -6.32 -0.40 -10.30
N TYR C 43 -6.99 0.39 -11.11
CA TYR C 43 -7.71 1.62 -10.68
C TYR C 43 -9.19 1.44 -11.03
N VAL C 44 -10.08 1.52 -10.05
CA VAL C 44 -11.54 1.34 -10.28
C VAL C 44 -12.13 2.69 -10.72
N THR C 45 -12.62 2.77 -11.95
CA THR C 45 -13.13 4.03 -12.55
C THR C 45 -14.65 4.15 -12.34
N LYS C 46 -15.36 3.04 -12.20
CA LYS C 46 -16.84 3.02 -12.08
C LYS C 46 -17.25 1.78 -11.32
N GLY C 47 -18.39 1.87 -10.62
CA GLY C 47 -19.04 0.67 -10.10
C GLY C 47 -18.30 0.05 -8.93
N TYR C 48 -18.54 -1.23 -8.70
CA TYR C 48 -18.22 -1.94 -7.44
C TYR C 48 -17.73 -3.33 -7.76
N GLY C 49 -16.80 -3.81 -6.95
CA GLY C 49 -16.39 -5.20 -6.96
C GLY C 49 -15.75 -5.57 -5.64
N THR C 50 -15.37 -6.85 -5.51
N THR C 50 -15.36 -6.84 -5.52
CA THR C 50 -14.74 -7.39 -4.30
CA THR C 50 -14.74 -7.41 -4.31
C THR C 50 -13.34 -7.90 -4.67
C THR C 50 -13.35 -7.89 -4.67
N PHE C 51 -12.39 -7.70 -3.77
CA PHE C 51 -11.00 -8.16 -3.88
C PHE C 51 -10.70 -8.96 -2.62
N LYS C 52 -10.32 -10.22 -2.79
CA LYS C 52 -10.10 -11.17 -1.68
C LYS C 52 -8.67 -11.66 -1.77
N PHE C 53 -7.95 -11.55 -0.66
CA PHE C 53 -6.49 -11.83 -0.58
C PHE C 53 -6.17 -12.12 0.89
N ASN C 54 -5.52 -13.25 1.18
N ASN C 54 -5.53 -13.25 1.18
CA ASN C 54 -4.96 -13.57 2.53
CA ASN C 54 -4.97 -13.61 2.50
C ASN C 54 -6.06 -13.51 3.58
C ASN C 54 -6.06 -13.51 3.58
N GLY C 55 -7.26 -13.98 3.27
CA GLY C 55 -8.36 -14.09 4.26
C GLY C 55 -9.10 -12.79 4.50
N LYS C 56 -8.78 -11.71 3.77
CA LYS C 56 -9.54 -10.45 3.86
C LYS C 56 -10.41 -10.28 2.61
N VAL C 57 -11.57 -9.63 2.76
CA VAL C 57 -12.51 -9.37 1.64
C VAL C 57 -12.75 -7.88 1.62
N TYR C 58 -12.31 -7.19 0.58
CA TYR C 58 -12.47 -5.73 0.39
C TYR C 58 -13.60 -5.44 -0.61
N ASN C 59 -14.55 -4.58 -0.24
CA ASN C 59 -15.59 -4.06 -1.14
C ASN C 59 -15.04 -2.76 -1.74
N LEU C 60 -14.66 -2.78 -3.00
CA LEU C 60 -13.98 -1.64 -3.65
C LEU C 60 -14.95 -0.92 -4.56
N LYS C 61 -14.66 0.35 -4.81
CA LYS C 61 -15.56 1.25 -5.56
C LYS C 61 -14.70 2.28 -6.30
N GLN C 62 -15.36 3.17 -7.02
CA GLN C 62 -14.70 4.22 -7.83
C GLN C 62 -13.63 4.93 -7.00
N GLY C 63 -12.40 5.01 -7.51
CA GLY C 63 -11.30 5.75 -6.87
C GLY C 63 -10.39 4.84 -6.07
N ASP C 64 -10.78 3.57 -5.85
CA ASP C 64 -9.93 2.59 -5.12
C ASP C 64 -8.88 2.03 -6.10
N ILE C 65 -7.76 1.63 -5.53
CA ILE C 65 -6.68 0.90 -6.22
C ILE C 65 -6.50 -0.45 -5.53
N PHE C 66 -6.13 -1.46 -6.28
CA PHE C 66 -5.63 -2.72 -5.73
C PHE C 66 -4.44 -3.13 -6.58
N ILE C 67 -3.45 -3.79 -5.97
N ILE C 67 -3.46 -3.79 -5.97
CA ILE C 67 -2.22 -4.18 -6.70
CA ILE C 67 -2.22 -4.19 -6.69
C ILE C 67 -2.05 -5.70 -6.56
C ILE C 67 -2.06 -5.70 -6.55
N LEU C 68 -1.77 -6.36 -7.67
CA LEU C 68 -1.48 -7.80 -7.72
C LEU C 68 0.02 -7.93 -7.78
N LEU C 69 0.60 -8.80 -6.96
CA LEU C 69 2.06 -9.07 -6.97
C LEU C 69 2.27 -10.57 -7.15
N LYS C 70 3.34 -10.93 -7.87
N LYS C 70 3.34 -10.93 -7.87
CA LYS C 70 3.68 -12.34 -8.17
CA LYS C 70 3.68 -12.34 -8.17
C LYS C 70 3.53 -13.16 -6.89
C LYS C 70 3.53 -13.16 -6.89
N GLY C 71 2.81 -14.28 -6.99
CA GLY C 71 2.68 -15.26 -5.89
C GLY C 71 1.41 -15.08 -5.08
N MET C 72 0.74 -13.93 -5.18
CA MET C 72 -0.51 -13.69 -4.42
C MET C 72 -1.61 -14.59 -4.98
N GLN C 73 -2.35 -15.28 -4.10
CA GLN C 73 -3.58 -16.01 -4.47
C GLN C 73 -4.75 -15.02 -4.28
N VAL C 74 -5.42 -14.65 -5.37
CA VAL C 74 -6.40 -13.53 -5.35
C VAL C 74 -7.70 -14.01 -5.97
N GLU C 75 -8.79 -13.35 -5.59
CA GLU C 75 -10.08 -13.46 -6.28
C GLU C 75 -10.63 -12.04 -6.37
N TYR C 76 -11.02 -11.60 -7.55
CA TYR C 76 -11.67 -10.28 -7.71
C TYR C 76 -12.83 -10.43 -8.69
N VAL C 77 -13.97 -9.91 -8.27
CA VAL C 77 -15.30 -10.23 -8.83
C VAL C 77 -16.12 -8.94 -8.93
N ALA C 78 -16.71 -8.67 -10.08
CA ALA C 78 -17.61 -7.55 -10.30
C ALA C 78 -18.89 -7.75 -9.48
N SER C 79 -19.43 -6.65 -8.95
CA SER C 79 -20.70 -6.65 -8.20
C SER C 79 -21.86 -7.00 -9.16
N ILE C 80 -22.89 -7.63 -8.61
CA ILE C 80 -24.15 -8.02 -9.35
C ILE C 80 -24.89 -6.75 -9.73
N ASP C 81 -24.97 -5.76 -8.83
CA ASP C 81 -25.88 -4.60 -9.00
C ASP C 81 -25.30 -3.52 -9.91
N ASP C 82 -23.98 -3.30 -9.85
CA ASP C 82 -23.31 -2.18 -10.56
C ASP C 82 -21.87 -2.57 -10.84
N PRO C 83 -21.61 -3.44 -11.83
CA PRO C 83 -20.28 -4.06 -12.01
C PRO C 83 -19.21 -3.03 -12.37
N TRP C 84 -18.04 -3.20 -11.75
CA TRP C 84 -16.94 -2.22 -11.89
C TRP C 84 -16.39 -2.23 -13.32
N GLU C 85 -15.85 -1.08 -13.69
CA GLU C 85 -14.85 -0.92 -14.76
C GLU C 85 -13.51 -0.65 -14.05
N TYR C 86 -12.41 -1.23 -14.52
CA TYR C 86 -11.07 -0.92 -14.00
C TYR C 86 -10.06 -0.81 -15.15
N TYR C 87 -9.05 0.02 -14.90
CA TYR C 87 -7.86 0.23 -15.75
C TYR C 87 -6.70 -0.41 -15.02
N TRP C 88 -5.76 -1.01 -15.73
CA TRP C 88 -4.58 -1.60 -15.08
C TRP C 88 -3.31 -1.32 -15.86
N ILE C 89 -2.22 -1.21 -15.10
CA ILE C 89 -0.83 -1.09 -15.59
C ILE C 89 -0.05 -2.25 -14.99
N GLY C 90 0.45 -3.14 -15.83
CA GLY C 90 1.39 -4.20 -15.41
C GLY C 90 2.81 -3.71 -15.65
N PHE C 91 3.69 -3.85 -14.67
CA PHE C 91 5.10 -3.40 -14.81
C PHE C 91 6.05 -4.34 -14.07
N SER C 92 7.32 -4.23 -14.41
CA SER C 92 8.42 -5.10 -13.92
C SER C 92 9.75 -4.37 -14.00
N GLY C 93 10.80 -5.01 -13.49
CA GLY C 93 12.18 -4.52 -13.53
C GLY C 93 12.75 -4.34 -12.14
N SER C 94 14.07 -4.35 -12.04
CA SER C 94 14.79 -4.20 -10.75
C SER C 94 14.54 -2.80 -10.16
N ASN C 95 14.43 -1.75 -10.96
CA ASN C 95 14.15 -0.39 -10.43
C ASN C 95 12.70 -0.38 -9.90
N ALA C 96 11.76 -0.82 -10.72
CA ALA C 96 10.33 -0.92 -10.35
C ALA C 96 10.16 -1.55 -8.97
N ASN C 97 10.80 -2.71 -8.73
CA ASN C 97 10.58 -3.47 -7.47
C ASN C 97 11.24 -2.70 -6.32
N GLU C 98 12.38 -2.04 -6.54
CA GLU C 98 12.99 -1.20 -5.46
C GLU C 98 12.00 -0.07 -5.13
N TYR C 99 11.42 0.58 -6.11
CA TYR C 99 10.54 1.76 -5.88
C TYR C 99 9.26 1.32 -5.15
N LEU C 100 8.74 0.12 -5.45
CA LEU C 100 7.53 -0.42 -4.77
C LEU C 100 7.77 -0.56 -3.26
N ASN C 101 9.01 -0.84 -2.85
CA ASN C 101 9.39 -0.97 -1.41
C ASN C 101 9.49 0.41 -0.75
N ARG C 102 9.30 1.52 -1.49
CA ARG C 102 9.31 2.88 -0.89
C ARG C 102 7.88 3.36 -0.59
N THR C 103 6.85 2.55 -0.90
CA THR C 103 5.44 2.97 -0.70
C THR C 103 4.79 2.01 0.29
N SER C 104 3.81 2.48 1.05
CA SER C 104 3.04 1.64 2.01
C SER C 104 1.96 0.81 1.29
N ILE C 105 1.72 1.04 -0.01
N ILE C 105 1.73 1.03 -0.01
CA ILE C 105 0.54 0.41 -0.70
CA ILE C 105 0.54 0.42 -0.70
C ILE C 105 0.73 -1.11 -0.76
C ILE C 105 0.73 -1.09 -0.77
N THR C 106 1.98 -1.57 -0.85
CA THR C 106 2.31 -3.01 -0.99
C THR C 106 2.08 -3.75 0.32
N ASN C 107 1.79 -3.05 1.43
CA ASN C 107 1.52 -3.67 2.76
C ASN C 107 0.20 -4.47 2.70
N SER C 108 -0.92 -3.82 2.37
CA SER C 108 -2.28 -4.41 2.26
C SER C 108 -2.70 -4.63 0.80
N CYS C 109 -2.07 -3.93 -0.16
CA CYS C 109 -2.34 -4.05 -1.62
C CYS C 109 -3.70 -3.40 -1.99
N VAL C 110 -4.23 -2.55 -1.13
CA VAL C 110 -5.49 -1.80 -1.39
C VAL C 110 -5.27 -0.36 -0.95
N ALA C 111 -5.83 0.60 -1.65
CA ALA C 111 -5.78 2.00 -1.20
C ALA C 111 -6.90 2.78 -1.87
N ASN C 112 -7.14 3.99 -1.38
CA ASN C 112 -8.12 4.93 -1.97
C ASN C 112 -7.34 6.16 -2.48
N CYS C 113 -7.56 6.60 -3.72
CA CYS C 113 -6.97 7.85 -4.26
C CYS C 113 -7.64 9.05 -3.60
N GLU C 114 -6.87 9.92 -2.95
CA GLU C 114 -7.39 11.18 -2.36
C GLU C 114 -7.86 12.12 -3.48
N GLU C 115 -8.66 13.12 -3.12
CA GLU C 115 -9.36 14.01 -4.09
C GLU C 115 -8.40 14.60 -5.13
N ASN C 116 -7.21 15.06 -4.71
N ASN C 116 -7.22 15.04 -4.69
CA ASN C 116 -6.30 15.78 -5.64
CA ASN C 116 -6.25 15.77 -5.54
C ASN C 116 -5.17 14.81 -6.05
C ASN C 116 -5.17 14.81 -6.05
N SER C 117 -5.40 13.49 -6.01
CA SER C 117 -4.41 12.48 -6.44
C SER C 117 -4.02 12.68 -7.90
N LYS C 118 -2.75 12.48 -8.25
CA LYS C 118 -2.26 12.48 -9.65
C LYS C 118 -2.34 11.10 -10.28
N ILE C 119 -2.69 10.08 -9.52
CA ILE C 119 -2.62 8.67 -10.00
C ILE C 119 -3.63 8.42 -11.10
N PRO C 120 -4.92 8.82 -10.96
CA PRO C 120 -5.92 8.49 -11.98
C PRO C 120 -5.53 9.00 -13.37
N GLN C 121 -5.04 10.24 -13.46
CA GLN C 121 -4.73 10.87 -14.77
C GLN C 121 -3.58 10.10 -15.43
N ILE C 122 -2.59 9.67 -14.65
CA ILE C 122 -1.42 8.92 -15.21
C ILE C 122 -1.90 7.57 -15.75
N ILE C 123 -2.70 6.83 -14.98
CA ILE C 123 -3.13 5.48 -15.40
C ILE C 123 -4.00 5.62 -16.65
N LEU C 124 -4.92 6.58 -16.66
CA LEU C 124 -5.82 6.80 -17.82
C LEU C 124 -4.96 7.16 -19.04
N ASN C 125 -3.98 8.03 -18.88
CA ASN C 125 -3.13 8.46 -20.01
C ASN C 125 -2.33 7.27 -20.56
N MET C 126 -1.77 6.42 -19.70
CA MET C 126 -1.01 5.22 -20.16
C MET C 126 -1.92 4.30 -20.96
N CYS C 127 -3.15 4.06 -20.50
CA CYS C 127 -4.12 3.18 -21.21
C CYS C 127 -4.51 3.82 -22.55
N GLU C 128 -4.71 5.14 -22.60
CA GLU C 128 -5.01 5.88 -23.86
C GLU C 128 -3.86 5.73 -24.87
N ILE C 129 -2.61 5.98 -24.47
CA ILE C 129 -1.43 5.79 -25.35
C ILE C 129 -1.40 4.36 -25.90
N SER C 130 -1.68 3.37 -25.04
CA SER C 130 -1.61 1.93 -25.38
C SER C 130 -2.62 1.58 -26.46
N LYS C 131 -3.77 2.26 -26.53
CA LYS C 131 -4.83 1.99 -27.55
C LYS C 131 -4.29 2.15 -28.96
N THR C 132 -3.43 3.14 -29.22
CA THR C 132 -2.89 3.45 -30.58
C THR C 132 -1.37 3.38 -30.55
N TYR C 133 -0.81 2.50 -29.72
CA TYR C 133 0.63 2.39 -29.47
C TYR C 133 1.38 2.35 -30.80
N ASN C 134 2.29 3.29 -31.02
CA ASN C 134 3.11 3.36 -32.24
C ASN C 134 4.56 3.61 -31.85
N PRO C 135 5.42 2.57 -31.83
CA PRO C 135 6.81 2.74 -31.40
C PRO C 135 7.63 3.66 -32.35
N SER C 136 7.29 3.70 -33.64
CA SER C 136 7.97 4.59 -34.63
C SER C 136 7.73 6.07 -34.27
N ARG C 137 6.68 6.39 -33.51
CA ARG C 137 6.40 7.76 -32.99
C ARG C 137 6.89 7.90 -31.54
N SER C 138 7.68 6.95 -31.04
CA SER C 138 8.35 6.99 -29.70
C SER C 138 7.32 6.90 -28.54
N ASP C 139 6.18 6.27 -28.76
CA ASP C 139 5.21 5.96 -27.67
C ASP C 139 5.90 5.12 -26.58
N ASP C 140 6.90 4.31 -26.91
CA ASP C 140 7.67 3.52 -25.91
C ASP C 140 8.34 4.45 -24.89
N ILE C 141 8.91 5.57 -25.32
CA ILE C 141 9.57 6.54 -24.41
C ILE C 141 8.49 7.16 -23.52
N LEU C 142 7.37 7.56 -24.11
CA LEU C 142 6.26 8.22 -23.38
C LEU C 142 5.74 7.29 -22.30
N LEU C 143 5.54 5.99 -22.61
CA LEU C 143 5.04 5.01 -21.59
C LEU C 143 6.03 4.86 -20.44
N LEU C 144 7.34 4.83 -20.70
CA LEU C 144 8.34 4.73 -19.61
C LEU C 144 8.33 6.01 -18.77
N LYS C 145 8.27 7.17 -19.42
CA LYS C 145 8.15 8.45 -18.70
C LYS C 145 6.96 8.37 -17.73
N GLU C 146 5.82 7.89 -18.21
CA GLU C 146 4.55 7.84 -17.42
C GLU C 146 4.70 6.80 -16.29
N LEU C 147 5.42 5.70 -16.51
CA LEU C 147 5.61 4.69 -15.44
C LEU C 147 6.46 5.28 -14.33
N TYR C 148 7.55 6.00 -14.65
CA TYR C 148 8.35 6.73 -13.62
C TYR C 148 7.41 7.70 -12.88
N SER C 149 6.57 8.47 -13.57
CA SER C 149 5.62 9.43 -12.94
C SER C 149 4.67 8.71 -11.98
N LEU C 150 4.17 7.53 -12.39
CA LEU C 150 3.22 6.71 -11.60
C LEU C 150 3.92 6.26 -10.30
N LEU C 151 5.11 5.68 -10.39
CA LEU C 151 5.80 5.17 -9.19
C LEU C 151 6.17 6.34 -8.27
N TYR C 152 6.54 7.49 -8.83
CA TYR C 152 6.80 8.70 -8.03
C TYR C 152 5.53 9.11 -7.27
N ALA C 153 4.38 9.13 -7.97
CA ALA C 153 3.08 9.55 -7.37
C ALA C 153 2.68 8.57 -6.26
N LEU C 154 2.89 7.27 -6.45
CA LEU C 154 2.56 6.26 -5.40
C LEU C 154 3.39 6.55 -4.16
N ILE C 155 4.68 6.83 -4.31
CA ILE C 155 5.58 7.13 -3.16
C ILE C 155 5.16 8.44 -2.48
N GLU C 156 4.82 9.46 -3.26
CA GLU C 156 4.40 10.77 -2.73
C GLU C 156 3.09 10.62 -1.96
N GLU C 157 2.13 9.85 -2.48
CA GLU C 157 0.77 9.79 -1.89
C GLU C 157 0.65 8.69 -0.83
N PHE C 158 1.51 7.67 -0.89
CA PHE C 158 1.50 6.51 0.02
C PHE C 158 2.90 6.25 0.56
N PRO C 159 3.50 7.22 1.29
CA PRO C 159 4.89 7.08 1.73
C PRO C 159 5.04 6.04 2.86
N LYS C 160 6.20 5.40 2.95
CA LYS C 160 6.57 4.56 4.13
C LYS C 160 6.85 5.46 5.33
N PRO C 161 6.62 4.99 6.58
CA PRO C 161 6.87 5.80 7.78
C PRO C 161 8.30 6.36 7.94
N ILE D 3 0.25 -31.20 34.34
CA ILE D 3 1.72 -31.13 34.65
C ILE D 3 2.31 -29.86 34.04
N LEU D 4 1.87 -29.45 32.84
CA LEU D 4 2.28 -28.16 32.21
C LEU D 4 1.05 -27.50 31.59
N TRP D 5 0.84 -26.21 31.88
CA TRP D 5 -0.12 -25.34 31.15
C TRP D 5 0.43 -23.91 31.20
N LYS D 6 1.34 -23.59 30.30
CA LYS D 6 1.98 -22.26 30.21
C LYS D 6 1.14 -21.40 29.24
N LYS D 7 0.52 -20.33 29.75
CA LYS D 7 -0.22 -19.33 28.94
C LYS D 7 0.68 -18.11 28.71
N TYR D 8 0.83 -17.70 27.45
CA TYR D 8 1.63 -16.53 27.01
C TYR D 8 0.70 -15.35 26.69
N VAL D 9 1.23 -14.12 26.77
CA VAL D 9 0.52 -12.88 26.32
C VAL D 9 0.23 -13.00 24.83
N LYS D 10 -0.88 -12.41 24.38
CA LYS D 10 -1.20 -12.21 22.93
C LYS D 10 -0.40 -10.98 22.50
N GLU D 11 0.93 -11.09 22.43
CA GLU D 11 1.85 -9.97 22.14
C GLU D 11 2.03 -9.82 20.61
N ASN D 12 1.81 -10.88 19.82
CA ASN D 12 2.03 -10.85 18.35
C ASN D 12 0.71 -11.12 17.63
N PHE D 13 0.50 -10.50 16.47
CA PHE D 13 -0.73 -10.61 15.67
C PHE D 13 -0.49 -11.30 14.34
N GLU D 14 0.75 -11.51 13.88
CA GLU D 14 0.99 -12.28 12.63
C GLU D 14 1.20 -13.75 12.95
N MET D 15 1.98 -14.03 13.99
CA MET D 15 2.31 -15.39 14.47
C MET D 15 2.54 -15.33 15.98
N ASN D 16 1.84 -16.14 16.76
CA ASN D 16 1.87 -16.06 18.23
C ASN D 16 1.74 -17.45 18.84
N VAL D 17 2.63 -17.81 19.74
CA VAL D 17 2.47 -19.01 20.60
C VAL D 17 1.60 -18.61 21.80
N ASP D 18 0.36 -19.09 21.86
CA ASP D 18 -0.64 -18.69 22.90
C ASP D 18 -0.42 -19.51 24.16
N GLU D 19 -0.16 -20.81 24.06
CA GLU D 19 0.02 -21.69 25.25
C GLU D 19 0.64 -23.02 24.80
N CYS D 20 1.35 -23.67 25.70
CA CYS D 20 1.87 -25.04 25.51
C CYS D 20 1.44 -25.82 26.76
N GLY D 21 1.03 -27.06 26.60
CA GLY D 21 0.55 -27.85 27.73
C GLY D 21 0.84 -29.33 27.57
N ILE D 22 0.78 -30.04 28.70
CA ILE D 22 0.92 -31.52 28.80
C ILE D 22 -0.12 -31.95 29.81
N GLU D 23 -0.94 -32.94 29.47
CA GLU D 23 -1.98 -33.44 30.39
C GLU D 23 -2.02 -34.96 30.30
N GLN D 24 -1.86 -35.61 31.45
CA GLN D 24 -2.18 -37.05 31.62
C GLN D 24 -3.65 -37.13 32.03
N GLY D 25 -4.46 -37.75 31.16
CA GLY D 25 -5.91 -37.89 31.37
C GLY D 25 -6.19 -38.80 32.55
N ILE D 26 -7.29 -38.54 33.23
CA ILE D 26 -7.90 -39.39 34.28
C ILE D 26 -8.89 -40.30 33.57
N PRO D 27 -8.89 -41.63 33.83
CA PRO D 27 -9.81 -42.54 33.14
C PRO D 27 -11.26 -42.07 33.06
N GLY D 28 -11.79 -41.97 31.84
CA GLY D 28 -13.21 -41.70 31.57
C GLY D 28 -13.54 -40.24 31.66
N LEU D 29 -12.55 -39.37 31.92
CA LEU D 29 -12.83 -37.92 32.11
C LEU D 29 -12.28 -37.15 30.91
N GLY D 30 -12.96 -36.05 30.58
CA GLY D 30 -12.43 -35.12 29.58
C GLY D 30 -13.23 -33.85 29.56
N TYR D 31 -13.44 -33.32 28.37
CA TYR D 31 -13.87 -31.93 28.14
C TYR D 31 -14.92 -31.94 27.04
N ASN D 32 -15.90 -31.06 27.20
CA ASN D 32 -17.04 -30.92 26.26
C ASN D 32 -17.36 -29.43 26.20
N TYR D 33 -17.01 -28.74 25.12
CA TYR D 33 -17.15 -27.26 25.06
C TYR D 33 -17.03 -26.79 23.61
N GLU D 34 -17.44 -25.54 23.40
CA GLU D 34 -17.24 -24.80 22.14
C GLU D 34 -15.87 -24.14 22.25
N VAL D 35 -14.99 -24.40 21.28
CA VAL D 35 -13.60 -23.88 21.32
C VAL D 35 -13.65 -22.35 21.19
N LEU D 36 -12.94 -21.66 22.08
CA LEU D 36 -12.82 -20.18 22.08
C LEU D 36 -11.46 -19.75 21.53
N LYS D 37 -10.43 -20.56 21.69
CA LYS D 37 -9.05 -20.23 21.26
C LYS D 37 -8.97 -20.35 19.74
N ASN D 38 -7.99 -19.69 19.12
CA ASN D 38 -7.84 -19.67 17.65
C ASN D 38 -7.60 -21.08 17.09
N ALA D 39 -6.59 -21.76 17.56
CA ALA D 39 -6.16 -23.08 17.05
C ALA D 39 -5.32 -23.76 18.11
N VAL D 40 -5.58 -25.03 18.34
CA VAL D 40 -4.81 -25.79 19.36
C VAL D 40 -4.55 -27.19 18.82
N ILE D 41 -3.29 -27.47 18.48
CA ILE D 41 -2.89 -28.81 17.98
C ILE D 41 -2.53 -29.68 19.19
N HIS D 42 -3.14 -30.88 19.25
CA HIS D 42 -2.90 -31.89 20.31
C HIS D 42 -2.17 -33.08 19.68
N TYR D 43 -1.15 -33.59 20.35
CA TYR D 43 -0.39 -34.79 19.94
C TYR D 43 -0.53 -35.84 21.04
N VAL D 44 -1.02 -37.03 20.71
CA VAL D 44 -1.22 -38.12 21.69
C VAL D 44 0.11 -38.87 21.83
N THR D 45 0.70 -38.86 23.02
CA THR D 45 2.03 -39.46 23.28
C THR D 45 1.87 -40.87 23.86
N LYS D 46 0.75 -41.15 24.54
CA LYS D 46 0.54 -42.45 25.23
C LYS D 46 -0.94 -42.73 25.30
N GLY D 47 -1.31 -44.00 25.40
CA GLY D 47 -2.67 -44.41 25.79
C GLY D 47 -3.69 -44.07 24.69
N TYR D 48 -4.95 -43.93 25.09
CA TYR D 48 -6.14 -43.96 24.21
C TYR D 48 -7.13 -42.92 24.69
N GLY D 49 -7.81 -42.29 23.75
CA GLY D 49 -8.97 -41.44 24.07
C GLY D 49 -9.86 -41.30 22.86
N THR D 50 -10.98 -40.60 23.04
CA THR D 50 -11.96 -40.36 21.97
C THR D 50 -12.06 -38.86 21.72
N PHE D 51 -12.18 -38.48 20.46
CA PHE D 51 -12.42 -37.11 19.99
C PHE D 51 -13.68 -37.11 19.14
N LYS D 52 -14.66 -36.30 19.54
CA LYS D 52 -15.99 -36.24 18.91
C LYS D 52 -16.21 -34.82 18.41
N PHE D 53 -16.56 -34.70 17.15
CA PHE D 53 -16.71 -33.41 16.45
C PHE D 53 -17.66 -33.64 15.27
N ASN D 54 -18.73 -32.84 15.15
CA ASN D 54 -19.60 -32.80 13.93
C ASN D 54 -20.16 -34.21 13.66
N GLY D 55 -20.56 -34.93 14.71
CA GLY D 55 -21.26 -36.22 14.59
C GLY D 55 -20.33 -37.39 14.32
N LYS D 56 -19.01 -37.20 14.32
CA LYS D 56 -18.04 -38.31 14.15
C LYS D 56 -17.35 -38.57 15.50
N VAL D 57 -17.02 -39.82 15.78
CA VAL D 57 -16.33 -40.22 17.04
C VAL D 57 -15.08 -40.96 16.63
N TYR D 58 -13.90 -40.39 16.90
CA TYR D 58 -12.58 -40.95 16.58
C TYR D 58 -11.95 -41.60 17.81
N ASN D 59 -11.48 -42.84 17.68
CA ASN D 59 -10.72 -43.55 18.74
C ASN D 59 -9.24 -43.28 18.46
N LEU D 60 -8.59 -42.43 19.25
CA LEU D 60 -7.21 -41.96 18.96
C LEU D 60 -6.24 -42.66 19.91
N LYS D 61 -4.98 -42.70 19.50
CA LYS D 61 -3.91 -43.44 20.20
C LYS D 61 -2.59 -42.75 19.94
N GLN D 62 -1.52 -43.28 20.52
CA GLN D 62 -0.15 -42.74 20.38
C GLN D 62 0.13 -42.40 18.91
N GLY D 63 0.55 -41.16 18.61
CA GLY D 63 0.96 -40.78 17.25
C GLY D 63 -0.13 -40.03 16.50
N ASP D 64 -1.36 -40.03 17.03
CA ASP D 64 -2.49 -39.28 16.44
C ASP D 64 -2.39 -37.81 16.85
N ILE D 65 -2.93 -36.95 16.00
CA ILE D 65 -3.10 -35.50 16.24
C ILE D 65 -4.57 -35.18 16.10
N PHE D 66 -5.03 -34.23 16.90
CA PHE D 66 -6.34 -33.58 16.66
C PHE D 66 -6.13 -32.10 16.85
N ILE D 67 -6.87 -31.29 16.09
N ILE D 67 -6.87 -31.28 16.09
CA ILE D 67 -6.71 -29.81 16.16
CA ILE D 67 -6.71 -29.81 16.16
C ILE D 67 -8.07 -29.21 16.50
C ILE D 67 -8.06 -29.21 16.50
N LEU D 68 -8.07 -28.30 17.46
CA LEU D 68 -9.27 -27.56 17.89
C LEU D 68 -9.20 -26.20 17.19
N LEU D 69 -10.29 -25.76 16.58
CA LEU D 69 -10.35 -24.43 15.93
C LEU D 69 -11.54 -23.67 16.53
N LYS D 70 -11.39 -22.35 16.67
CA LYS D 70 -12.43 -21.47 17.24
C LYS D 70 -13.77 -21.84 16.63
N GLY D 71 -14.78 -22.04 17.47
CA GLY D 71 -16.17 -22.27 17.06
C GLY D 71 -16.53 -23.75 17.02
N MET D 72 -15.56 -24.66 17.03
CA MET D 72 -15.85 -26.12 16.98
C MET D 72 -16.49 -26.55 18.32
N GLN D 73 -17.58 -27.31 18.25
CA GLN D 73 -18.17 -27.97 19.43
C GLN D 73 -17.53 -29.36 19.54
N VAL D 74 -16.76 -29.60 20.58
CA VAL D 74 -15.90 -30.81 20.68
C VAL D 74 -16.15 -31.51 22.00
N GLU D 75 -15.85 -32.79 22.04
CA GLU D 75 -15.78 -33.58 23.28
C GLU D 75 -14.57 -34.49 23.13
N TYR D 76 -13.66 -34.47 24.09
CA TYR D 76 -12.49 -35.38 24.06
C TYR D 76 -12.29 -35.92 25.48
N VAL D 77 -12.15 -37.23 25.57
CA VAL D 77 -12.31 -38.01 26.83
C VAL D 77 -11.25 -39.11 26.83
N ALA D 78 -10.51 -39.22 27.92
CA ALA D 78 -9.53 -40.31 28.14
C ALA D 78 -10.25 -41.64 28.26
N SER D 79 -9.63 -42.70 27.73
CA SER D 79 -10.13 -44.08 27.83
C SER D 79 -10.17 -44.52 29.32
N ILE D 80 -11.16 -45.35 29.66
N ILE D 80 -11.16 -45.35 29.67
CA ILE D 80 -11.33 -45.94 31.04
CA ILE D 80 -11.32 -45.92 31.04
C ILE D 80 -10.17 -46.90 31.31
C ILE D 80 -10.18 -46.90 31.32
N ASP D 81 -9.75 -47.68 30.33
CA ASP D 81 -8.77 -48.79 30.52
C ASP D 81 -7.33 -48.26 30.52
N ASP D 82 -7.01 -47.26 29.68
CA ASP D 82 -5.60 -46.88 29.39
C ASP D 82 -5.56 -45.40 28.96
N PRO D 83 -5.73 -44.45 29.92
CA PRO D 83 -5.98 -43.06 29.57
C PRO D 83 -4.79 -42.39 28.89
N TRP D 84 -5.11 -41.59 27.87
CA TRP D 84 -4.09 -40.91 27.06
C TRP D 84 -3.35 -39.85 27.86
N GLU D 85 -2.13 -39.60 27.43
CA GLU D 85 -1.39 -38.35 27.67
C GLU D 85 -1.37 -37.58 26.34
N TYR D 86 -1.54 -36.27 26.38
CA TYR D 86 -1.36 -35.43 25.17
C TYR D 86 -0.59 -34.16 25.50
N TYR D 87 0.12 -33.68 24.49
CA TYR D 87 0.85 -32.40 24.46
C TYR D 87 0.07 -31.50 23.53
N TRP D 88 -0.02 -30.21 23.84
CA TRP D 88 -0.73 -29.27 22.94
C TRP D 88 0.04 -27.96 22.78
N ILE D 89 -0.13 -27.37 21.60
CA ILE D 89 0.39 -26.04 21.21
C ILE D 89 -0.82 -25.24 20.77
N GLY D 90 -1.13 -24.18 21.49
CA GLY D 90 -2.15 -23.18 21.09
C GLY D 90 -1.45 -22.04 20.38
N PHE D 91 -1.95 -21.64 19.21
CA PHE D 91 -1.33 -20.56 18.43
C PHE D 91 -2.39 -19.74 17.70
N SER D 92 -1.98 -18.56 17.25
CA SER D 92 -2.85 -17.55 16.61
C SER D 92 -2.05 -16.65 15.69
N GLY D 93 -2.75 -15.77 14.99
CA GLY D 93 -2.16 -14.76 14.10
C GLY D 93 -2.65 -14.92 12.68
N SER D 94 -2.55 -13.84 11.91
CA SER D 94 -2.99 -13.79 10.50
C SER D 94 -2.11 -14.71 9.64
N ASN D 95 -0.82 -14.83 9.92
CA ASN D 95 0.07 -15.74 9.14
C ASN D 95 -0.35 -17.18 9.47
N ALA D 96 -0.43 -17.51 10.76
CA ALA D 96 -0.86 -18.83 11.27
C ALA D 96 -2.11 -19.31 10.53
N ASN D 97 -3.15 -18.47 10.45
CA ASN D 97 -4.45 -18.90 9.89
C ASN D 97 -4.29 -19.09 8.38
N GLU D 98 -3.50 -18.26 7.70
CA GLU D 98 -3.27 -18.49 6.26
C GLU D 98 -2.54 -19.81 6.06
N TYR D 99 -1.54 -20.11 6.87
CA TYR D 99 -0.74 -21.35 6.71
C TYR D 99 -1.62 -22.58 6.97
N LEU D 100 -2.55 -22.50 7.93
CA LEU D 100 -3.47 -23.64 8.26
C LEU D 100 -4.32 -24.00 7.03
N ASN D 101 -4.65 -23.02 6.19
N ASN D 101 -4.64 -23.03 6.19
CA ASN D 101 -5.43 -23.24 4.93
CA ASN D 101 -5.44 -23.22 4.93
C ASN D 101 -4.56 -23.91 3.86
C ASN D 101 -4.57 -23.92 3.86
N ARG D 102 -3.28 -24.14 4.09
CA ARG D 102 -2.40 -24.84 3.12
C ARG D 102 -2.28 -26.34 3.46
N THR D 103 -2.93 -26.80 4.52
CA THR D 103 -2.82 -28.22 4.96
C THR D 103 -4.23 -28.84 4.89
N SER D 104 -4.31 -30.14 4.64
CA SER D 104 -5.59 -30.88 4.59
C SER D 104 -6.08 -31.22 6.00
N ILE D 105 -5.26 -31.00 7.05
N ILE D 105 -5.27 -31.00 7.04
CA ILE D 105 -5.61 -31.47 8.42
CA ILE D 105 -5.58 -31.45 8.43
C ILE D 105 -6.81 -30.68 8.92
C ILE D 105 -6.80 -30.67 8.93
N THR D 106 -7.01 -29.44 8.48
CA THR D 106 -8.12 -28.57 8.97
C THR D 106 -9.45 -29.03 8.36
N ASN D 107 -9.46 -29.97 7.43
CA ASN D 107 -10.70 -30.55 6.83
C ASN D 107 -11.45 -31.37 7.92
N SER D 108 -10.83 -32.43 8.42
CA SER D 108 -11.40 -33.38 9.41
C SER D 108 -10.89 -33.12 10.84
N CYS D 109 -9.76 -32.44 10.99
CA CYS D 109 -9.16 -32.02 12.29
C CYS D 109 -8.54 -33.21 13.01
N VAL D 110 -8.28 -34.31 12.29
CA VAL D 110 -7.62 -35.52 12.86
C VAL D 110 -6.57 -36.00 11.88
N ALA D 111 -5.44 -36.50 12.36
CA ALA D 111 -4.44 -37.11 11.47
C ALA D 111 -3.58 -38.08 12.27
N ASN D 112 -2.85 -38.93 11.54
CA ASN D 112 -1.85 -39.86 12.13
C ASN D 112 -0.47 -39.44 11.64
N CYS D 113 0.48 -39.27 12.54
CA CYS D 113 1.89 -38.98 12.19
C CYS D 113 2.56 -40.24 11.60
N GLU D 114 3.12 -40.13 10.40
CA GLU D 114 3.96 -41.20 9.79
C GLU D 114 5.21 -41.44 10.63
N GLU D 115 5.85 -42.60 10.43
CA GLU D 115 7.02 -43.06 11.24
C GLU D 115 8.12 -41.98 11.31
N ASN D 116 8.41 -41.32 10.20
N ASN D 116 8.40 -41.32 10.19
CA ASN D 116 9.56 -40.36 10.13
CA ASN D 116 9.52 -40.37 10.04
C ASN D 116 9.00 -38.93 10.18
C ASN D 116 9.01 -38.93 10.19
N SER D 117 7.81 -38.73 10.77
CA SER D 117 7.21 -37.38 10.92
C SER D 117 8.15 -36.48 11.75
N LYS D 118 8.24 -35.19 11.41
CA LYS D 118 8.98 -34.17 12.19
C LYS D 118 8.08 -33.54 13.27
N ILE D 119 6.78 -33.82 13.23
CA ILE D 119 5.81 -33.10 14.11
C ILE D 119 6.04 -33.43 15.58
N PRO D 120 6.18 -34.72 15.99
CA PRO D 120 6.27 -35.05 17.41
C PRO D 120 7.44 -34.33 18.09
N GLN D 121 8.61 -34.30 17.44
CA GLN D 121 9.84 -33.76 18.05
C GLN D 121 9.66 -32.24 18.28
N ILE D 122 9.01 -31.56 17.33
CA ILE D 122 8.78 -30.10 17.44
C ILE D 122 7.83 -29.84 18.61
N ILE D 123 6.71 -30.54 18.69
CA ILE D 123 5.71 -30.29 19.75
C ILE D 123 6.36 -30.57 21.11
N LEU D 124 7.08 -31.68 21.23
CA LEU D 124 7.73 -32.05 22.51
C LEU D 124 8.74 -30.95 22.88
N ASN D 125 9.52 -30.47 21.92
CA ASN D 125 10.56 -29.44 22.18
C ASN D 125 9.89 -28.13 22.63
N MET D 126 8.79 -27.72 22.00
CA MET D 126 8.07 -26.47 22.40
C MET D 126 7.57 -26.61 23.84
N CYS D 127 7.00 -27.75 24.21
CA CYS D 127 6.49 -27.98 25.59
C CYS D 127 7.67 -28.00 26.59
N GLU D 128 8.81 -28.60 26.24
CA GLU D 128 10.04 -28.57 27.08
C GLU D 128 10.53 -27.14 27.32
N ILE D 129 10.67 -26.33 26.27
CA ILE D 129 11.08 -24.90 26.39
C ILE D 129 10.11 -24.18 27.34
N SER D 130 8.81 -24.42 27.19
CA SER D 130 7.75 -23.74 27.96
C SER D 130 7.88 -24.02 29.46
N LYS D 131 8.37 -25.20 29.85
CA LYS D 131 8.51 -25.58 31.29
C LYS D 131 9.41 -24.59 32.05
N THR D 132 10.48 -24.09 31.42
CA THR D 132 11.45 -23.16 32.07
C THR D 132 11.53 -21.86 31.26
N TYR D 133 10.44 -21.44 30.67
CA TYR D 133 10.37 -20.28 29.74
C TYR D 133 11.07 -19.08 30.38
N ASN D 134 12.09 -18.54 29.72
CA ASN D 134 12.83 -17.36 30.20
C ASN D 134 13.00 -16.38 29.05
N PRO D 135 12.21 -15.29 28.99
CA PRO D 135 12.30 -14.34 27.87
C PRO D 135 13.67 -13.61 27.81
N SER D 136 14.32 -13.39 28.96
CA SER D 136 15.66 -12.75 28.99
C SER D 136 16.71 -13.63 28.28
N ARG D 137 16.47 -14.94 28.14
CA ARG D 137 17.35 -15.88 27.39
C ARG D 137 16.79 -16.10 25.96
N SER D 138 15.83 -15.28 25.52
CA SER D 138 15.29 -15.27 24.12
C SER D 138 14.53 -16.58 23.81
N ASP D 139 13.94 -17.21 24.81
CA ASP D 139 13.04 -18.38 24.61
C ASP D 139 11.85 -17.96 23.73
N ASP D 140 11.45 -16.69 23.74
CA ASP D 140 10.36 -16.18 22.86
C ASP D 140 10.73 -16.39 21.38
N ILE D 141 11.97 -16.13 20.99
CA ILE D 141 12.43 -16.28 19.58
C ILE D 141 12.42 -17.77 19.26
N LEU D 142 12.92 -18.60 20.17
CA LEU D 142 13.01 -20.06 19.96
C LEU D 142 11.61 -20.64 19.74
N LEU D 143 10.63 -20.22 20.56
CA LEU D 143 9.23 -20.73 20.41
C LEU D 143 8.64 -20.32 19.06
N LEU D 144 8.89 -19.10 18.58
CA LEU D 144 8.37 -18.66 17.26
C LEU D 144 9.07 -19.46 16.16
N LYS D 145 10.38 -19.65 16.25
CA LYS D 145 11.11 -20.48 15.28
C LYS D 145 10.44 -21.84 15.19
N GLU D 146 10.13 -22.45 16.33
CA GLU D 146 9.56 -23.82 16.40
C GLU D 146 8.12 -23.81 15.85
N LEU D 147 7.36 -22.73 16.08
CA LEU D 147 5.98 -22.65 15.54
C LEU D 147 6.03 -22.60 14.00
N TYR D 148 6.92 -21.79 13.41
CA TYR D 148 7.13 -21.79 11.94
C TYR D 148 7.52 -23.21 11.48
N SER D 149 8.42 -23.91 12.17
CA SER D 149 8.84 -25.29 11.80
C SER D 149 7.65 -26.24 11.85
N LEU D 150 6.79 -26.09 12.85
CA LEU D 150 5.58 -26.95 13.06
C LEU D 150 4.64 -26.74 11.87
N LEU D 151 4.31 -25.49 11.54
CA LEU D 151 3.34 -25.23 10.45
C LEU D 151 3.93 -25.70 9.12
N TYR D 152 5.24 -25.54 8.91
CA TYR D 152 5.92 -26.05 7.70
C TYR D 152 5.75 -27.57 7.65
N ALA D 153 6.00 -28.28 8.74
CA ALA D 153 5.91 -29.75 8.82
C ALA D 153 4.46 -30.22 8.54
N LEU D 154 3.46 -29.53 9.06
CA LEU D 154 2.04 -29.88 8.82
C LEU D 154 1.75 -29.78 7.31
N ILE D 155 2.21 -28.71 6.67
CA ILE D 155 1.98 -28.50 5.21
C ILE D 155 2.73 -29.57 4.40
N GLU D 156 3.96 -29.89 4.78
CA GLU D 156 4.80 -30.88 4.07
C GLU D 156 4.17 -32.27 4.21
N GLU D 157 3.66 -32.63 5.40
CA GLU D 157 3.18 -34.00 5.66
C GLU D 157 1.70 -34.15 5.30
N PHE D 158 0.92 -33.07 5.30
CA PHE D 158 -0.53 -33.06 5.06
C PHE D 158 -0.88 -31.97 4.04
N PRO D 159 -0.36 -32.06 2.80
CA PRO D 159 -0.57 -31.00 1.81
C PRO D 159 -2.00 -30.98 1.27
N LYS D 160 -2.50 -29.82 0.87
CA LYS D 160 -3.77 -29.70 0.11
C LYS D 160 -3.53 -30.15 -1.32
N PRO D 161 -4.58 -30.60 -2.05
CA PRO D 161 -4.44 -31.05 -3.44
C PRO D 161 -3.99 -29.92 -4.38
N ILE E 3 29.38 26.47 -10.63
CA ILE E 3 28.18 26.66 -9.75
C ILE E 3 27.68 25.28 -9.29
N LEU E 4 27.49 24.37 -10.25
CA LEU E 4 26.98 22.99 -10.01
C LEU E 4 27.77 22.01 -10.89
N TRP E 5 28.24 20.91 -10.30
CA TRP E 5 28.76 19.73 -11.04
C TRP E 5 28.48 18.49 -10.19
N LYS E 6 27.26 17.96 -10.28
CA LYS E 6 26.82 16.76 -9.53
C LYS E 6 27.13 15.53 -10.41
N LYS E 7 28.04 14.66 -9.95
CA LYS E 7 28.35 13.36 -10.60
C LYS E 7 27.58 12.25 -9.85
N TYR E 8 26.83 11.43 -10.59
CA TYR E 8 26.06 10.27 -10.07
C TYR E 8 26.82 8.97 -10.40
N VAL E 9 26.59 7.92 -9.61
CA VAL E 9 27.10 6.54 -9.89
C VAL E 9 26.50 6.08 -11.23
N LYS E 10 27.27 5.25 -11.97
CA LYS E 10 26.77 4.51 -13.14
C LYS E 10 26.00 3.28 -12.59
N GLU E 11 24.84 3.53 -11.97
CA GLU E 11 24.07 2.49 -11.25
C GLU E 11 23.08 1.83 -12.22
N ASN E 12 22.70 2.49 -13.33
CA ASN E 12 21.75 1.95 -14.33
C ASN E 12 22.44 1.79 -15.68
N PHE E 13 22.07 0.77 -16.45
CA PHE E 13 22.65 0.44 -17.76
C PHE E 13 21.66 0.64 -18.89
N GLU E 14 20.36 0.80 -18.65
CA GLU E 14 19.40 1.06 -19.75
C GLU E 14 19.25 2.57 -19.94
N MET E 15 19.09 3.29 -18.84
CA MET E 15 18.93 4.76 -18.80
C MET E 15 19.56 5.27 -17.50
N ASN E 16 20.49 6.20 -17.61
CA ASN E 16 21.25 6.69 -16.43
C ASN E 16 21.52 8.18 -16.57
N VAL E 17 21.20 8.94 -15.53
CA VAL E 17 21.65 10.35 -15.41
C VAL E 17 23.07 10.31 -14.82
N ASP E 18 24.09 10.64 -15.63
CA ASP E 18 25.52 10.54 -15.21
C ASP E 18 25.92 11.78 -14.41
N GLU E 19 25.50 12.97 -14.84
CA GLU E 19 25.88 14.23 -14.16
C GLU E 19 24.98 15.37 -14.65
N CYS E 20 24.79 16.36 -13.81
CA CYS E 20 24.11 17.64 -14.16
C CYS E 20 25.06 18.74 -13.73
N GLY E 21 25.16 19.80 -14.53
CA GLY E 21 26.09 20.89 -14.23
C GLY E 21 25.60 22.22 -14.74
N ILE E 22 26.16 23.28 -14.16
CA ILE E 22 25.96 24.70 -14.55
C ILE E 22 27.32 25.35 -14.48
N GLU E 23 27.72 26.05 -15.53
CA GLU E 23 29.03 26.73 -15.57
C GLU E 23 28.84 28.10 -16.21
N GLN E 24 29.24 29.14 -15.50
CA GLN E 24 29.45 30.50 -16.06
C GLN E 24 30.89 30.57 -16.56
N GLY E 25 31.05 30.74 -17.86
CA GLY E 25 32.36 30.80 -18.53
C GLY E 25 33.14 32.02 -18.09
N ILE E 26 34.45 31.88 -18.06
CA ILE E 26 35.43 32.99 -17.88
C ILE E 26 35.80 33.47 -19.28
N PRO E 27 35.78 34.80 -19.55
CA PRO E 27 36.09 35.29 -20.89
C PRO E 27 37.32 34.67 -21.56
N GLY E 28 37.12 34.09 -22.74
CA GLY E 28 38.20 33.58 -23.61
C GLY E 28 38.69 32.22 -23.19
N LEU E 29 38.09 31.61 -22.16
CA LEU E 29 38.58 30.31 -21.63
C LEU E 29 37.56 29.22 -21.99
N GLY E 30 38.07 28.02 -22.20
CA GLY E 30 37.19 26.85 -22.35
C GLY E 30 37.98 25.58 -22.34
N TYR E 31 37.59 24.63 -23.19
CA TYR E 31 37.98 23.21 -23.09
C TYR E 31 38.28 22.70 -24.48
N ASN E 32 39.29 21.83 -24.56
CA ASN E 32 39.76 21.23 -25.83
C ASN E 32 40.15 19.79 -25.50
N TYR E 33 39.36 18.80 -25.91
CA TYR E 33 39.60 17.40 -25.50
C TYR E 33 38.78 16.44 -26.37
N GLU E 34 39.16 15.16 -26.31
CA GLU E 34 38.40 14.04 -26.90
C GLU E 34 37.37 13.62 -25.85
N VAL E 35 36.09 13.62 -26.23
CA VAL E 35 34.99 13.30 -25.28
C VAL E 35 35.12 11.82 -24.86
N LEU E 36 35.10 11.57 -23.56
CA LEU E 36 35.15 10.21 -22.95
C LEU E 36 33.76 9.78 -22.47
N LYS E 37 32.91 10.72 -22.08
CA LYS E 37 31.56 10.42 -21.57
C LYS E 37 30.66 9.98 -22.72
N ASN E 38 29.59 9.25 -22.42
CA ASN E 38 28.67 8.72 -23.46
C ASN E 38 28.01 9.87 -24.25
N ALA E 39 27.35 10.78 -23.57
CA ALA E 39 26.57 11.86 -24.23
C ALA E 39 26.33 12.95 -23.21
N VAL E 40 26.53 14.20 -23.63
CA VAL E 40 26.35 15.36 -22.73
C VAL E 40 25.69 16.49 -23.50
N ILE E 41 24.44 16.78 -23.19
CA ILE E 41 23.69 17.87 -23.84
C ILE E 41 23.94 19.15 -23.05
N HIS E 42 24.34 20.21 -23.75
CA HIS E 42 24.60 21.56 -23.20
C HIS E 42 23.52 22.52 -23.73
N TYR E 43 22.97 23.34 -22.85
CA TYR E 43 21.98 24.38 -23.20
C TYR E 43 22.58 25.74 -22.81
N VAL E 44 22.69 26.66 -23.77
CA VAL E 44 23.26 28.02 -23.52
C VAL E 44 22.15 28.91 -22.98
N THR E 45 22.28 29.39 -21.75
CA THR E 45 21.23 30.19 -21.07
C THR E 45 21.52 31.68 -21.21
N LYS E 46 22.78 32.07 -21.41
CA LYS E 46 23.19 33.50 -21.45
C LYS E 46 24.45 33.62 -22.28
N GLY E 47 24.68 34.79 -22.87
CA GLY E 47 25.98 35.15 -23.46
C GLY E 47 26.30 34.32 -24.70
N TYR E 48 27.58 34.21 -25.01
CA TYR E 48 28.09 33.77 -26.34
C TYR E 48 29.31 32.88 -26.11
N GLY E 49 29.45 31.88 -26.97
CA GLY E 49 30.68 31.08 -27.05
C GLY E 49 30.81 30.42 -28.39
N THR E 50 31.92 29.72 -28.59
CA THR E 50 32.21 29.00 -29.85
C THR E 50 32.32 27.52 -29.54
N PHE E 51 31.79 26.70 -30.44
CA PHE E 51 31.89 25.23 -30.41
C PHE E 51 32.50 24.79 -31.74
N LYS E 52 33.62 24.07 -31.65
CA LYS E 52 34.41 23.64 -32.82
C LYS E 52 34.48 22.12 -32.81
N PHE E 53 34.11 21.51 -33.92
CA PHE E 53 33.99 20.05 -34.08
C PHE E 53 34.14 19.72 -35.56
N ASN E 54 35.06 18.82 -35.93
CA ASN E 54 35.16 18.26 -37.30
C ASN E 54 35.34 19.39 -38.32
N GLY E 55 36.15 20.39 -37.99
CA GLY E 55 36.55 21.46 -38.93
C GLY E 55 35.50 22.56 -39.06
N LYS E 56 34.41 22.52 -38.29
CA LYS E 56 33.38 23.59 -38.31
C LYS E 56 33.48 24.40 -37.01
N VAL E 57 33.21 25.70 -37.08
CA VAL E 57 33.27 26.61 -35.91
C VAL E 57 31.90 27.28 -35.81
N TYR E 58 31.14 26.99 -34.77
CA TYR E 58 29.79 27.53 -34.51
C TYR E 58 29.85 28.64 -33.47
N ASN E 59 29.25 29.80 -33.78
CA ASN E 59 29.08 30.91 -32.81
C ASN E 59 27.72 30.72 -32.15
N LEU E 60 27.70 30.31 -30.89
CA LEU E 60 26.44 29.92 -30.21
C LEU E 60 26.05 31.01 -29.22
N LYS E 61 24.78 31.03 -28.86
CA LYS E 61 24.17 32.09 -28.04
C LYS E 61 22.99 31.51 -27.28
N GLN E 62 22.35 32.32 -26.45
CA GLN E 62 21.18 31.92 -25.64
C GLN E 62 20.20 31.12 -26.49
N GLY E 63 19.82 29.91 -26.04
CA GLY E 63 18.80 29.11 -26.73
C GLY E 63 19.38 28.04 -27.61
N ASP E 64 20.69 28.08 -27.87
CA ASP E 64 21.41 27.04 -28.64
C ASP E 64 21.69 25.84 -27.74
N ILE E 65 21.78 24.68 -28.37
CA ILE E 65 22.21 23.42 -27.73
C ILE E 65 23.41 22.90 -28.50
N PHE E 66 24.33 22.26 -27.80
CA PHE E 66 25.36 21.43 -28.44
C PHE E 66 25.44 20.15 -27.64
N ILE E 67 25.76 19.04 -28.31
N ILE E 67 25.76 19.04 -28.31
CA ILE E 67 25.82 17.72 -27.63
CA ILE E 67 25.83 17.72 -27.63
C ILE E 67 27.21 17.14 -27.88
C ILE E 67 27.22 17.14 -27.87
N LEU E 68 27.82 16.63 -26.80
CA LEU E 68 29.13 15.95 -26.86
C LEU E 68 28.84 14.46 -26.87
N LEU E 69 29.46 13.71 -27.77
CA LEU E 69 29.32 12.24 -27.82
C LEU E 69 30.72 11.62 -27.74
N LYS E 70 30.83 10.47 -27.08
CA LYS E 70 32.09 9.74 -26.90
C LYS E 70 32.84 9.71 -28.23
N GLY E 71 34.11 10.07 -28.20
CA GLY E 71 35.03 10.00 -29.34
C GLY E 71 35.16 11.32 -30.09
N MET E 72 34.25 12.28 -29.87
CA MET E 72 34.32 13.59 -30.58
C MET E 72 35.53 14.39 -30.06
N GLN E 73 36.35 14.94 -30.95
CA GLN E 73 37.41 15.91 -30.61
C GLN E 73 36.78 17.32 -30.68
N VAL E 74 36.66 18.01 -29.57
CA VAL E 74 35.86 19.25 -29.47
C VAL E 74 36.69 20.34 -28.83
N GLU E 75 36.32 21.57 -29.11
CA GLU E 75 36.82 22.76 -28.39
C GLU E 75 35.62 23.68 -28.19
N TYR E 76 35.37 24.12 -26.97
CA TYR E 76 34.29 25.09 -26.70
C TYR E 76 34.81 26.12 -25.69
N VAL E 77 34.61 27.39 -26.04
CA VAL E 77 35.33 28.55 -25.45
C VAL E 77 34.32 29.68 -25.28
N ALA E 78 34.26 30.26 -24.08
CA ALA E 78 33.44 31.44 -23.77
C ALA E 78 33.97 32.65 -24.55
N SER E 79 33.06 33.50 -25.01
CA SER E 79 33.38 34.77 -25.70
C SER E 79 34.14 35.71 -24.74
N ILE E 80 35.07 36.51 -25.28
CA ILE E 80 35.86 37.53 -24.54
C ILE E 80 34.92 38.64 -24.05
N ASP E 81 33.97 39.05 -24.87
CA ASP E 81 33.13 40.25 -24.62
C ASP E 81 31.96 39.92 -23.68
N ASP E 82 31.35 38.72 -23.80
CA ASP E 82 30.07 38.41 -23.13
C ASP E 82 29.98 36.90 -22.90
N PRO E 83 30.73 36.34 -21.93
CA PRO E 83 30.91 34.90 -21.82
C PRO E 83 29.62 34.16 -21.47
N TRP E 84 29.44 33.02 -22.13
CA TRP E 84 28.22 32.21 -21.96
C TRP E 84 28.15 31.60 -20.57
N GLU E 85 26.92 31.36 -20.15
CA GLU E 85 26.56 30.36 -19.12
C GLU E 85 25.91 29.18 -19.85
N TYR E 86 26.21 27.95 -19.45
CA TYR E 86 25.51 26.77 -19.96
C TYR E 86 25.18 25.79 -18.83
N TYR E 87 24.11 25.05 -19.06
CA TYR E 87 23.61 23.94 -18.23
C TYR E 87 23.86 22.67 -19.02
N TRP E 88 24.24 21.59 -18.36
CA TRP E 88 24.46 20.31 -19.07
C TRP E 88 23.87 19.13 -18.30
N ILE E 89 23.45 18.14 -19.08
CA ILE E 89 22.96 16.83 -18.61
C ILE E 89 23.82 15.79 -19.32
N GLY E 90 24.58 15.03 -18.53
CA GLY E 90 25.34 13.87 -19.02
C GLY E 90 24.50 12.63 -18.79
N PHE E 91 24.33 11.78 -19.80
CA PHE E 91 23.51 10.55 -19.67
C PHE E 91 24.12 9.43 -20.50
N SER E 92 23.67 8.22 -20.19
CA SER E 92 24.18 6.96 -20.77
C SER E 92 23.10 5.87 -20.70
N GLY E 93 23.41 4.73 -21.30
CA GLY E 93 22.56 3.54 -21.26
C GLY E 93 22.21 3.11 -22.66
N SER E 94 21.82 1.85 -22.80
CA SER E 94 21.43 1.24 -24.09
C SER E 94 20.14 1.90 -24.61
N ASN E 95 19.19 2.27 -23.74
CA ASN E 95 17.95 2.94 -24.20
C ASN E 95 18.33 4.32 -24.70
N ALA E 96 19.06 5.08 -23.88
CA ALA E 96 19.53 6.44 -24.22
C ALA E 96 20.13 6.46 -25.63
N ASN E 97 21.04 5.54 -25.96
CA ASN E 97 21.77 5.57 -27.24
C ASN E 97 20.81 5.19 -28.37
N GLU E 98 19.85 4.29 -28.14
CA GLU E 98 18.84 3.99 -29.19
C GLU E 98 18.02 5.26 -29.44
N TYR E 99 17.60 5.97 -28.39
CA TYR E 99 16.71 7.14 -28.55
C TYR E 99 17.47 8.27 -29.28
N LEU E 100 18.77 8.42 -29.02
CA LEU E 100 19.60 9.47 -29.69
C LEU E 100 19.62 9.26 -31.21
N ASN E 101 19.52 8.02 -31.67
CA ASN E 101 19.49 7.67 -33.11
C ASN E 101 18.12 8.02 -33.72
N ARG E 102 17.15 8.47 -32.92
CA ARG E 102 15.82 8.88 -33.46
C ARG E 102 15.75 10.40 -33.69
N THR E 103 16.82 11.13 -33.41
CA THR E 103 16.82 12.61 -33.52
C THR E 103 17.88 13.02 -34.55
N SER E 104 17.66 14.11 -35.27
CA SER E 104 18.62 14.66 -36.25
C SER E 104 19.74 15.43 -35.55
N ILE E 105 19.64 15.69 -34.23
CA ILE E 105 20.59 16.57 -33.51
C ILE E 105 21.96 15.90 -33.50
N THR E 106 22.04 14.56 -33.49
CA THR E 106 23.32 13.82 -33.41
C THR E 106 24.07 13.87 -34.75
N ASN E 107 23.46 14.40 -35.81
CA ASN E 107 24.12 14.57 -37.14
C ASN E 107 25.23 15.65 -37.03
N SER E 108 24.87 16.89 -36.68
CA SER E 108 25.78 18.06 -36.60
C SER E 108 26.16 18.38 -35.14
N CYS E 109 25.35 17.95 -34.17
CA CYS E 109 25.59 18.09 -32.71
C CYS E 109 25.33 19.53 -32.27
N VAL E 110 24.61 20.30 -33.06
CA VAL E 110 24.24 21.71 -32.72
C VAL E 110 22.78 21.91 -33.10
N ALA E 111 22.03 22.67 -32.31
CA ALA E 111 20.66 23.04 -32.71
C ALA E 111 20.24 24.30 -31.98
N ASN E 112 19.16 24.91 -32.44
CA ASN E 112 18.52 26.08 -31.81
C ASN E 112 17.15 25.66 -31.29
N CYS E 113 16.84 25.94 -30.02
CA CYS E 113 15.51 25.70 -29.43
C CYS E 113 14.51 26.72 -29.98
N GLU E 114 13.41 26.24 -30.57
CA GLU E 114 12.29 27.11 -31.02
C GLU E 114 11.62 27.76 -29.80
N GLU E 115 10.85 28.83 -30.03
CA GLU E 115 10.27 29.68 -28.96
C GLU E 115 9.51 28.85 -27.93
N ASN E 116 8.72 27.87 -28.36
CA ASN E 116 7.84 27.11 -27.45
C ASN E 116 8.47 25.76 -27.16
N SER E 117 9.80 25.64 -27.26
CA SER E 117 10.53 24.36 -26.98
C SER E 117 10.28 23.95 -25.52
N LYS E 118 10.16 22.65 -25.27
CA LYS E 118 10.06 22.05 -23.90
C LYS E 118 11.46 21.77 -23.33
N ILE E 119 12.51 21.86 -24.14
CA ILE E 119 13.85 21.39 -23.73
C ILE E 119 14.42 22.25 -22.61
N PRO E 120 14.39 23.60 -22.70
CA PRO E 120 15.02 24.44 -21.67
C PRO E 120 14.47 24.15 -20.27
N GLN E 121 13.14 24.01 -20.13
CA GLN E 121 12.50 23.87 -18.81
C GLN E 121 12.93 22.54 -18.19
N ILE E 122 13.03 21.49 -19.00
CA ILE E 122 13.46 20.15 -18.50
C ILE E 122 14.91 20.22 -18.02
N ILE E 123 15.81 20.79 -18.80
CA ILE E 123 17.25 20.82 -18.43
C ILE E 123 17.39 21.64 -17.16
N LEU E 124 16.73 22.80 -17.08
CA LEU E 124 16.82 23.68 -15.90
C LEU E 124 16.29 22.91 -14.68
N ASN E 125 15.18 22.20 -14.82
CA ASN E 125 14.56 21.46 -13.69
C ASN E 125 15.51 20.34 -13.22
N MET E 126 16.14 19.61 -14.13
CA MET E 126 17.09 18.52 -13.76
C MET E 126 18.27 19.12 -12.98
N CYS E 127 18.82 20.25 -13.41
CA CYS E 127 19.96 20.91 -12.71
C CYS E 127 19.50 21.40 -11.33
N GLU E 128 18.29 21.96 -11.21
CA GLU E 128 17.71 22.38 -9.90
C GLU E 128 17.59 21.18 -8.94
N ILE E 129 16.99 20.08 -9.37
CA ILE E 129 16.86 18.84 -8.53
C ILE E 129 18.25 18.39 -8.07
N SER E 130 19.23 18.42 -8.96
CA SER E 130 20.62 17.94 -8.70
C SER E 130 21.28 18.76 -7.60
N LYS E 131 20.95 20.05 -7.45
CA LYS E 131 21.57 20.93 -6.42
C LYS E 131 21.32 20.38 -5.01
N THR E 132 20.14 19.80 -4.72
CA THR E 132 19.78 19.27 -3.38
C THR E 132 19.42 17.79 -3.49
N TYR E 133 20.07 17.07 -4.39
CA TYR E 133 19.76 15.65 -4.71
C TYR E 133 19.66 14.85 -3.41
N ASN E 134 18.52 14.22 -3.17
CA ASN E 134 18.27 13.38 -1.97
C ASN E 134 17.60 12.10 -2.41
N PRO E 135 18.32 10.95 -2.50
CA PRO E 135 17.71 9.70 -2.94
C PRO E 135 16.63 9.17 -1.97
N SER E 136 16.75 9.45 -0.68
CA SER E 136 15.71 9.04 0.33
C SER E 136 14.37 9.75 0.04
N ARG E 137 14.37 10.88 -0.67
CA ARG E 137 13.14 11.59 -1.12
C ARG E 137 12.78 11.21 -2.57
N SER E 138 13.44 10.18 -3.13
CA SER E 138 13.15 9.61 -4.48
C SER E 138 13.49 10.62 -5.61
N ASP E 139 14.45 11.51 -5.39
CA ASP E 139 14.97 12.41 -6.46
C ASP E 139 15.54 11.57 -7.61
N ASP E 140 16.03 10.35 -7.35
CA ASP E 140 16.50 9.43 -8.41
C ASP E 140 15.40 9.13 -9.42
N ILE E 141 14.17 8.89 -8.96
CA ILE E 141 13.03 8.56 -9.86
C ILE E 141 12.71 9.83 -10.66
N LEU E 142 12.66 10.98 -9.99
CA LEU E 142 12.32 12.27 -10.64
C LEU E 142 13.33 12.57 -11.76
N LEU E 143 14.63 12.36 -11.51
CA LEU E 143 15.67 12.63 -12.55
C LEU E 143 15.50 11.69 -13.74
N LEU E 144 15.18 10.41 -13.55
CA LEU E 144 14.96 9.48 -14.66
C LEU E 144 13.70 9.89 -15.43
N LYS E 145 12.62 10.24 -14.74
CA LYS E 145 11.39 10.73 -15.40
C LYS E 145 11.78 11.89 -16.32
N GLU E 146 12.59 12.82 -15.83
CA GLU E 146 12.95 14.06 -16.59
C GLU E 146 13.86 13.69 -17.75
N LEU E 147 14.74 12.68 -17.60
CA LEU E 147 15.61 12.26 -18.72
C LEU E 147 14.76 11.66 -19.84
N TYR E 148 13.80 10.80 -19.53
CA TYR E 148 12.84 10.28 -20.55
C TYR E 148 12.11 11.46 -21.21
N SER E 149 11.65 12.46 -20.45
CA SER E 149 10.95 13.66 -21.02
C SER E 149 11.87 14.40 -21.96
N LEU E 150 13.14 14.55 -21.60
CA LEU E 150 14.17 15.28 -22.40
C LEU E 150 14.36 14.56 -23.73
N LEU E 151 14.60 13.24 -23.71
CA LEU E 151 14.85 12.50 -24.96
C LEU E 151 13.60 12.52 -25.83
N TYR E 152 12.41 12.44 -25.23
CA TYR E 152 11.13 12.54 -26.00
C TYR E 152 11.08 13.91 -26.69
N ALA E 153 11.39 15.00 -25.95
CA ALA E 153 11.34 16.39 -26.48
C ALA E 153 12.35 16.56 -27.64
N LEU E 154 13.55 16.00 -27.51
CA LEU E 154 14.57 16.08 -28.59
C LEU E 154 14.03 15.41 -29.86
N ILE E 155 13.40 14.24 -29.72
CA ILE E 155 12.85 13.49 -30.88
C ILE E 155 11.68 14.27 -31.50
N GLU E 156 10.82 14.84 -30.67
CA GLU E 156 9.62 15.59 -31.12
C GLU E 156 10.09 16.85 -31.86
N GLU E 157 11.10 17.56 -31.35
CA GLU E 157 11.49 18.88 -31.92
C GLU E 157 12.52 18.72 -33.03
N PHE E 158 13.29 17.63 -33.04
CA PHE E 158 14.38 17.37 -34.00
C PHE E 158 14.26 15.96 -34.56
N PRO E 159 13.15 15.64 -35.27
CA PRO E 159 12.92 14.27 -35.75
C PRO E 159 13.85 13.92 -36.92
N LYS E 160 14.19 12.64 -37.07
CA LYS E 160 14.88 12.11 -38.28
C LYS E 160 13.88 12.07 -39.45
N PRO E 161 14.38 12.11 -40.71
CA PRO E 161 13.51 11.99 -41.88
C PRO E 161 12.79 10.64 -41.95
N ILE F 3 -15.12 32.94 1.39
CA ILE F 3 -16.37 33.20 2.17
C ILE F 3 -16.91 31.85 2.66
N LEU F 4 -17.10 30.92 1.73
CA LEU F 4 -17.63 29.54 1.96
C LEU F 4 -16.84 28.58 1.09
N TRP F 5 -16.38 27.46 1.68
CA TRP F 5 -15.86 26.28 0.93
C TRP F 5 -16.14 25.04 1.78
N LYS F 6 -17.36 24.51 1.70
CA LYS F 6 -17.79 23.31 2.44
C LYS F 6 -17.50 22.08 1.57
N LYS F 7 -16.58 21.21 2.02
CA LYS F 7 -16.28 19.90 1.37
C LYS F 7 -17.04 18.81 2.12
N TYR F 8 -17.79 17.98 1.38
CA TYR F 8 -18.57 16.81 1.90
C TYR F 8 -17.82 15.52 1.58
N VAL F 9 -18.06 14.47 2.38
CA VAL F 9 -17.57 13.08 2.12
C VAL F 9 -18.15 12.61 0.79
N LYS F 10 -17.39 11.78 0.05
CA LYS F 10 -17.88 11.03 -1.13
C LYS F 10 -18.65 9.82 -0.58
N GLU F 11 -19.81 10.06 0.04
CA GLU F 11 -20.61 9.02 0.73
C GLU F 11 -21.57 8.36 -0.26
N ASN F 12 -21.94 9.03 -1.37
CA ASN F 12 -22.90 8.50 -2.38
C ASN F 12 -22.19 8.33 -3.73
N PHE F 13 -22.56 7.31 -4.50
CA PHE F 13 -21.96 6.98 -5.81
C PHE F 13 -22.93 7.17 -6.95
N GLU F 14 -24.24 7.33 -6.72
CA GLU F 14 -25.18 7.60 -7.84
C GLU F 14 -25.34 9.12 -8.01
N MET F 15 -25.50 9.83 -6.91
CA MET F 15 -25.67 11.30 -6.86
C MET F 15 -25.06 11.81 -5.56
N ASN F 16 -24.13 12.75 -5.66
CA ASN F 16 -23.38 13.23 -4.48
C ASN F 16 -23.09 14.72 -4.61
N VAL F 17 -23.42 15.49 -3.59
CA VAL F 17 -22.95 16.89 -3.46
C VAL F 17 -21.55 16.86 -2.86
N ASP F 18 -20.52 17.18 -3.66
CA ASP F 18 -19.09 17.08 -3.24
C ASP F 18 -18.69 18.32 -2.44
N GLU F 19 -19.11 19.52 -2.87
CA GLU F 19 -18.72 20.78 -2.20
C GLU F 19 -19.63 21.91 -2.69
N CYS F 20 -19.81 22.92 -1.85
CA CYS F 20 -20.50 24.18 -2.21
C CYS F 20 -19.55 25.29 -1.78
N GLY F 21 -19.42 26.34 -2.58
CA GLY F 21 -18.50 27.43 -2.27
C GLY F 21 -19.00 28.76 -2.78
N ILE F 22 -18.43 29.82 -2.20
CA ILE F 22 -18.64 31.24 -2.60
C ILE F 22 -17.28 31.89 -2.51
N GLU F 23 -16.88 32.59 -3.57
CA GLU F 23 -15.57 33.27 -3.61
C GLU F 23 -15.74 34.63 -4.26
N GLN F 24 -15.35 35.67 -3.55
CA GLN F 24 -15.12 37.02 -4.10
C GLN F 24 -13.68 37.08 -4.60
N GLY F 25 -13.52 37.26 -5.91
CA GLY F 25 -12.21 37.31 -6.58
C GLY F 25 -11.44 38.55 -6.13
N ILE F 26 -10.13 38.41 -6.08
CA ILE F 26 -9.16 39.52 -5.91
C ILE F 26 -8.79 40.00 -7.31
N PRO F 27 -8.80 41.34 -7.57
CA PRO F 27 -8.49 41.83 -8.93
C PRO F 27 -7.26 41.21 -9.57
N GLY F 28 -7.46 40.63 -10.76
CA GLY F 28 -6.37 40.12 -11.63
C GLY F 28 -5.89 38.76 -11.20
N LEU F 29 -6.49 38.15 -10.17
CA LEU F 29 -6.01 36.85 -9.65
C LEU F 29 -7.02 35.76 -10.00
N GLY F 30 -6.52 34.54 -10.22
CA GLY F 30 -7.39 33.37 -10.38
C GLY F 30 -6.59 32.10 -10.36
N TYR F 31 -7.00 31.16 -11.20
CA TYR F 31 -6.61 29.73 -11.09
C TYR F 31 -6.31 29.23 -12.49
N ASN F 32 -5.31 28.36 -12.58
CA ASN F 32 -4.83 27.76 -13.85
C ASN F 32 -4.44 26.32 -13.52
N TYR F 33 -5.24 25.33 -13.92
CA TYR F 33 -5.00 23.93 -13.50
C TYR F 33 -5.81 22.97 -14.37
N GLU F 34 -5.45 21.70 -14.29
CA GLU F 34 -6.20 20.58 -14.89
C GLU F 34 -7.24 20.14 -13.84
N VAL F 35 -8.50 20.16 -14.21
CA VAL F 35 -9.61 19.85 -13.27
C VAL F 35 -9.49 18.38 -12.83
N LEU F 36 -9.52 18.13 -11.53
CA LEU F 36 -9.47 16.76 -10.92
C LEU F 36 -10.86 16.33 -10.46
N LYS F 37 -11.71 17.27 -10.06
CA LYS F 37 -13.07 16.97 -9.56
C LYS F 37 -13.96 16.54 -10.72
N ASN F 38 -15.04 15.82 -10.43
CA ASN F 38 -15.94 15.28 -11.47
C ASN F 38 -16.60 16.41 -12.28
N ALA F 39 -17.27 17.32 -11.61
CA ALA F 39 -18.04 18.40 -12.26
C ALA F 39 -18.25 19.50 -11.24
N VAL F 40 -18.05 20.74 -11.66
CA VAL F 40 -18.23 21.89 -10.76
C VAL F 40 -18.89 23.02 -11.54
N ILE F 41 -20.15 23.31 -11.25
CA ILE F 41 -20.89 24.40 -11.91
C ILE F 41 -20.64 25.69 -11.12
N HIS F 42 -20.24 26.75 -11.82
CA HIS F 42 -19.98 28.09 -11.25
C HIS F 42 -21.05 29.05 -11.79
N TYR F 43 -21.60 29.89 -10.91
CA TYR F 43 -22.59 30.92 -11.27
C TYR F 43 -22.00 32.27 -10.89
N VAL F 44 -21.88 33.19 -11.84
CA VAL F 44 -21.30 34.55 -11.58
C VAL F 44 -22.42 35.44 -11.05
N THR F 45 -22.29 35.92 -9.81
CA THR F 45 -23.33 36.72 -9.13
C THR F 45 -23.05 38.21 -9.28
N LYS F 46 -21.80 38.60 -9.47
CA LYS F 46 -21.39 40.02 -9.52
C LYS F 46 -20.12 40.14 -10.34
N GLY F 47 -19.88 41.32 -10.93
CA GLY F 47 -18.58 41.68 -11.50
C GLY F 47 -18.27 40.85 -12.76
N TYR F 48 -16.98 40.73 -13.06
CA TYR F 48 -16.46 40.30 -14.38
C TYR F 48 -15.25 39.41 -14.16
N GLY F 49 -15.10 38.42 -15.01
CA GLY F 49 -13.87 37.61 -15.08
C GLY F 49 -13.74 36.94 -16.42
N THR F 50 -12.63 36.25 -16.61
CA THR F 50 -12.34 35.53 -17.88
C THR F 50 -12.24 34.04 -17.58
N PHE F 51 -12.78 33.22 -18.47
CA PHE F 51 -12.68 31.75 -18.44
C PHE F 51 -12.07 31.31 -19.77
N LYS F 52 -10.95 30.60 -19.69
CA LYS F 52 -10.16 30.17 -20.85
C LYS F 52 -10.10 28.63 -20.83
N PHE F 53 -10.46 28.03 -21.95
CA PHE F 53 -10.58 26.57 -22.11
C PHE F 53 -10.42 26.26 -23.60
N ASN F 54 -9.51 25.35 -23.97
CA ASN F 54 -9.43 24.77 -25.36
C ASN F 54 -9.23 25.91 -26.37
N GLY F 55 -8.42 26.91 -26.03
CA GLY F 55 -8.02 27.98 -26.94
C GLY F 55 -9.07 29.09 -27.09
N LYS F 56 -10.17 29.05 -26.32
CA LYS F 56 -11.19 30.13 -26.34
C LYS F 56 -11.09 30.92 -25.04
N VAL F 57 -11.36 32.23 -25.10
CA VAL F 57 -11.29 33.13 -23.94
C VAL F 57 -12.65 33.82 -23.85
N TYR F 58 -13.42 33.52 -22.81
CA TYR F 58 -14.77 34.07 -22.55
C TYR F 58 -14.70 35.17 -21.49
N ASN F 59 -15.31 36.33 -21.81
CA ASN F 59 -15.46 37.45 -20.85
C ASN F 59 -16.82 37.25 -20.18
N LEU F 60 -16.85 36.83 -18.93
CA LEU F 60 -18.12 36.44 -18.24
C LEU F 60 -18.51 37.54 -17.25
N LYS F 61 -19.78 37.58 -16.92
CA LYS F 61 -20.38 38.64 -16.09
C LYS F 61 -21.57 38.04 -15.34
N GLN F 62 -22.21 38.86 -14.51
CA GLN F 62 -23.38 38.45 -13.70
C GLN F 62 -24.37 37.65 -14.55
N GLY F 63 -24.74 36.45 -14.12
CA GLY F 63 -25.77 35.65 -14.79
C GLY F 63 -25.19 34.57 -15.68
N ASP F 64 -23.88 34.61 -15.92
CA ASP F 64 -23.17 33.57 -16.71
C ASP F 64 -22.88 32.37 -15.80
N ILE F 65 -22.79 31.21 -16.44
CA ILE F 65 -22.35 29.95 -15.81
C ILE F 65 -21.15 29.45 -16.56
N PHE F 66 -20.23 28.81 -15.85
CA PHE F 66 -19.20 27.98 -16.50
C PHE F 66 -19.11 26.68 -15.70
N ILE F 67 -18.81 25.58 -16.37
N ILE F 67 -18.81 25.58 -16.37
CA ILE F 67 -18.76 24.25 -15.69
CA ILE F 67 -18.77 24.25 -15.72
C ILE F 67 -17.37 23.68 -15.92
C ILE F 67 -17.38 23.66 -15.93
N LEU F 68 -16.77 23.17 -14.85
CA LEU F 68 -15.46 22.48 -14.90
C LEU F 68 -15.75 20.99 -14.90
N LEU F 69 -15.13 20.24 -15.80
CA LEU F 69 -15.27 18.77 -15.84
C LEU F 69 -13.87 18.16 -15.75
N LYS F 70 -13.78 17.01 -15.07
CA LYS F 70 -12.52 16.29 -14.88
C LYS F 70 -11.76 16.25 -16.20
N GLY F 71 -10.49 16.62 -16.16
CA GLY F 71 -9.55 16.53 -17.31
C GLY F 71 -9.42 17.85 -18.04
N MET F 72 -10.33 18.81 -17.85
CA MET F 72 -10.26 20.10 -18.58
C MET F 72 -9.06 20.91 -18.05
N GLN F 73 -8.26 21.46 -18.96
CA GLN F 73 -7.19 22.44 -18.61
C GLN F 73 -7.82 23.84 -18.70
N VAL F 74 -7.93 24.53 -17.58
CA VAL F 74 -8.73 25.78 -17.49
C VAL F 74 -7.88 26.87 -16.85
N GLU F 75 -8.25 28.11 -17.13
CA GLU F 75 -7.75 29.29 -16.41
C GLU F 75 -8.95 30.21 -16.22
N TYR F 76 -9.20 30.65 -15.00
CA TYR F 76 -10.28 31.62 -14.73
C TYR F 76 -9.76 32.65 -13.72
N VAL F 77 -9.96 33.91 -14.06
CA VAL F 77 -9.25 35.06 -13.47
C VAL F 77 -10.26 36.21 -13.30
N ALA F 78 -10.32 36.79 -12.11
CA ALA F 78 -11.14 37.97 -11.81
C ALA F 78 -10.60 39.19 -12.59
N SER F 79 -11.51 40.03 -13.06
CA SER F 79 -11.19 41.30 -13.73
C SER F 79 -10.43 42.24 -12.77
N ILE F 80 -9.50 43.04 -13.31
CA ILE F 80 -8.71 44.07 -12.57
C ILE F 80 -9.65 45.18 -12.09
N ASP F 81 -10.61 45.58 -12.91
CA ASP F 81 -11.45 46.78 -12.66
C ASP F 81 -12.61 46.45 -11.71
N ASP F 82 -13.22 45.25 -11.83
CA ASP F 82 -14.52 44.94 -11.16
C ASP F 82 -14.61 43.43 -10.94
N PRO F 83 -13.84 42.87 -9.97
CA PRO F 83 -13.66 41.43 -9.86
C PRO F 83 -14.95 40.69 -9.51
N TRP F 84 -15.14 39.55 -10.18
CA TRP F 84 -16.36 38.74 -10.00
C TRP F 84 -16.42 38.13 -8.60
N GLU F 85 -17.66 37.87 -8.21
CA GLU F 85 -18.01 36.89 -7.17
C GLU F 85 -18.67 35.71 -7.90
N TYR F 86 -18.37 34.48 -7.50
CA TYR F 86 -19.07 33.29 -8.01
C TYR F 86 -19.41 32.32 -6.87
N TYR F 87 -20.49 31.59 -7.10
CA TYR F 87 -20.98 30.47 -6.27
C TYR F 87 -20.73 29.20 -7.08
N TRP F 88 -20.35 28.12 -6.42
CA TRP F 88 -20.13 26.85 -7.13
C TRP F 88 -20.72 25.67 -6.36
N ILE F 89 -21.14 24.68 -7.14
CA ILE F 89 -21.64 23.37 -6.67
C ILE F 89 -20.76 22.32 -7.37
N GLY F 90 -20.01 21.57 -6.58
CA GLY F 90 -19.25 20.40 -7.06
C GLY F 90 -20.11 19.17 -6.82
N PHE F 91 -20.27 18.32 -7.84
CA PHE F 91 -21.10 17.10 -7.71
C PHE F 91 -20.48 15.96 -8.54
N SER F 92 -20.95 14.76 -8.22
CA SER F 92 -20.43 13.50 -8.80
C SER F 92 -21.51 12.42 -8.73
N GLY F 93 -21.19 11.28 -9.34
CA GLY F 93 -22.04 10.09 -9.32
C GLY F 93 -22.39 9.66 -10.72
N SER F 94 -22.76 8.40 -10.85
CA SER F 94 -23.15 7.77 -12.14
C SER F 94 -24.44 8.42 -12.67
N ASN F 95 -25.39 8.79 -11.81
CA ASN F 95 -26.64 9.45 -12.28
C ASN F 95 -26.26 10.84 -12.78
N ALA F 96 -25.54 11.60 -11.97
CA ALA F 96 -25.06 12.97 -12.29
C ALA F 96 -24.46 12.99 -13.71
N ASN F 97 -23.55 12.07 -14.02
CA ASN F 97 -22.80 12.09 -15.31
C ASN F 97 -23.76 11.72 -16.44
N GLU F 98 -24.72 10.82 -16.22
CA GLU F 98 -25.72 10.50 -17.26
C GLU F 98 -26.55 11.76 -17.53
N TYR F 99 -26.98 12.47 -16.49
CA TYR F 99 -27.87 13.64 -16.65
C TYR F 99 -27.11 14.77 -17.37
N LEU F 100 -25.82 14.93 -17.11
CA LEU F 100 -24.99 15.99 -17.77
C LEU F 100 -24.96 15.78 -19.28
N ASN F 101 -25.05 14.53 -19.75
N ASN F 101 -25.04 14.54 -19.74
CA ASN F 101 -25.07 14.19 -21.19
CA ASN F 101 -25.07 14.16 -21.18
C ASN F 101 -26.45 14.52 -21.81
C ASN F 101 -26.43 14.54 -21.80
N ARG F 102 -27.42 14.97 -21.02
CA ARG F 102 -28.75 15.38 -21.56
C ARG F 102 -28.81 16.89 -21.79
N THR F 103 -27.74 17.64 -21.51
CA THR F 103 -27.76 19.12 -21.63
C THR F 103 -26.69 19.52 -22.65
N SER F 104 -26.90 20.62 -23.36
CA SER F 104 -25.93 21.16 -24.36
C SER F 104 -24.82 21.94 -23.66
N ILE F 105 -24.93 22.20 -22.34
N ILE F 105 -24.95 22.20 -22.34
CA ILE F 105 -23.97 23.10 -21.63
CA ILE F 105 -24.01 23.08 -21.61
C ILE F 105 -22.61 22.41 -21.59
C ILE F 105 -22.62 22.42 -21.57
N THR F 106 -22.54 21.08 -21.57
CA THR F 106 -21.25 20.35 -21.49
C THR F 106 -20.50 20.40 -22.82
N ASN F 107 -21.09 20.94 -23.89
CA ASN F 107 -20.42 21.11 -25.21
C ASN F 107 -19.32 22.18 -25.09
N SER F 108 -19.68 23.42 -24.75
CA SER F 108 -18.78 24.59 -24.65
C SER F 108 -18.41 24.92 -23.19
N CYS F 109 -19.22 24.48 -22.24
CA CYS F 109 -18.98 24.62 -20.77
C CYS F 109 -19.23 26.06 -20.33
N VAL F 110 -19.96 26.83 -21.12
CA VAL F 110 -20.33 28.23 -20.79
C VAL F 110 -21.78 28.44 -21.16
N ALA F 111 -22.53 29.20 -20.38
CA ALA F 111 -23.91 29.57 -20.77
C ALA F 111 -24.31 30.85 -20.06
N ASN F 112 -25.42 31.44 -20.51
CA ASN F 112 -26.05 32.62 -19.87
C ASN F 112 -27.42 32.21 -19.36
N CYS F 113 -27.73 32.48 -18.10
CA CYS F 113 -29.06 32.23 -17.51
C CYS F 113 -30.06 33.26 -18.06
N GLU F 114 -31.16 32.79 -18.65
CA GLU F 114 -32.28 33.68 -19.09
C GLU F 114 -32.95 34.32 -17.87
N GLU F 115 -33.70 35.38 -18.09
CA GLU F 115 -34.31 36.22 -17.04
C GLU F 115 -35.09 35.38 -16.01
N ASN F 116 -35.86 34.40 -16.47
N ASN F 116 -35.85 34.40 -16.51
CA ASN F 116 -36.75 33.63 -15.56
CA ASN F 116 -36.79 33.55 -15.73
C ASN F 116 -36.10 32.26 -15.28
C ASN F 116 -36.11 32.23 -15.34
N SER F 117 -34.77 32.15 -15.38
CA SER F 117 -34.05 30.88 -15.09
C SER F 117 -34.30 30.45 -13.63
N LYS F 118 -34.42 29.14 -13.38
CA LYS F 118 -34.51 28.57 -12.01
C LYS F 118 -33.12 28.28 -11.43
N ILE F 119 -32.07 28.39 -12.24
CA ILE F 119 -30.72 27.93 -11.84
C ILE F 119 -30.16 28.78 -10.70
N PRO F 120 -30.19 30.14 -10.79
CA PRO F 120 -29.56 30.98 -9.78
C PRO F 120 -30.11 30.68 -8.37
N GLN F 121 -31.44 30.55 -8.24
CA GLN F 121 -32.08 30.40 -6.91
C GLN F 121 -31.65 29.07 -6.29
N ILE F 122 -31.53 28.03 -7.11
CA ILE F 122 -31.11 26.68 -6.61
C ILE F 122 -29.67 26.75 -6.12
N ILE F 123 -28.77 27.33 -6.91
CA ILE F 123 -27.33 27.36 -6.53
C ILE F 123 -27.18 28.18 -5.26
N LEU F 124 -27.85 29.34 -5.19
CA LEU F 124 -27.76 30.22 -4.00
C LEU F 124 -28.29 29.46 -2.77
N ASN F 125 -29.40 28.75 -2.93
CA ASN F 125 -30.02 28.02 -1.81
C ASN F 125 -29.08 26.89 -1.32
N MET F 126 -28.44 26.16 -2.23
CA MET F 126 -27.50 25.07 -1.85
C MET F 126 -26.33 25.67 -1.05
N CYS F 127 -25.78 26.80 -1.49
CA CYS F 127 -24.63 27.45 -0.80
C CYS F 127 -25.10 27.95 0.58
N GLU F 128 -26.31 28.50 0.70
CA GLU F 128 -26.89 28.93 2.01
C GLU F 128 -27.03 27.73 2.97
N ILE F 129 -27.61 26.63 2.54
CA ILE F 129 -27.75 25.40 3.38
C ILE F 129 -26.35 24.96 3.86
N SER F 130 -25.37 24.98 2.97
CA SER F 130 -23.99 24.51 3.24
C SER F 130 -23.33 25.34 4.34
N LYS F 131 -23.66 26.63 4.48
CA LYS F 131 -23.06 27.51 5.52
C LYS F 131 -23.31 26.96 6.93
N THR F 132 -24.48 26.38 7.20
CA THR F 132 -24.85 25.86 8.54
C THR F 132 -25.21 24.38 8.45
N TYR F 133 -24.55 23.65 7.56
CA TYR F 133 -24.86 22.24 7.25
C TYR F 133 -24.96 21.43 8.55
N ASN F 134 -26.11 20.81 8.79
CA ASN F 134 -26.36 19.98 10.00
C ASN F 134 -27.02 18.68 9.56
N PRO F 135 -26.29 17.55 9.50
CA PRO F 135 -26.87 16.28 9.05
C PRO F 135 -27.98 15.75 9.98
N SER F 136 -27.90 16.04 11.28
CA SER F 136 -28.94 15.62 12.26
C SER F 136 -30.28 16.32 11.96
N ARG F 137 -30.27 17.45 11.23
CA ARG F 137 -31.50 18.17 10.77
C ARG F 137 -31.83 17.79 9.32
N SER F 138 -31.19 16.75 8.77
CA SER F 138 -31.46 16.17 7.42
C SER F 138 -31.11 17.17 6.30
N ASP F 139 -30.13 18.06 6.53
CA ASP F 139 -29.63 18.96 5.46
C ASP F 139 -29.06 18.13 4.30
N ASP F 140 -28.57 16.91 4.55
CA ASP F 140 -28.08 15.99 3.50
C ASP F 140 -29.20 15.68 2.49
N ILE F 141 -30.43 15.44 2.95
CA ILE F 141 -31.58 15.13 2.06
C ILE F 141 -31.89 16.39 1.26
N LEU F 142 -31.94 17.54 1.92
CA LEU F 142 -32.28 18.83 1.27
C LEU F 142 -31.27 19.12 0.14
N LEU F 143 -29.96 18.91 0.39
CA LEU F 143 -28.92 19.18 -0.63
C LEU F 143 -29.11 18.24 -1.84
N LEU F 144 -29.44 16.96 -1.63
CA LEU F 144 -29.66 16.03 -2.75
C LEU F 144 -30.90 16.43 -3.52
N LYS F 145 -31.97 16.79 -2.83
CA LYS F 145 -33.21 17.28 -3.50
C LYS F 145 -32.82 18.43 -4.42
N GLU F 146 -32.01 19.37 -3.93
CA GLU F 146 -31.64 20.60 -4.68
C GLU F 146 -30.73 20.23 -5.86
N LEU F 147 -29.86 19.23 -5.70
CA LEU F 147 -28.98 18.81 -6.82
C LEU F 147 -29.83 18.20 -7.94
N TYR F 148 -30.80 17.34 -7.63
CA TYR F 148 -31.75 16.82 -8.64
C TYR F 148 -32.48 18.00 -9.31
N SER F 149 -32.95 18.99 -8.56
CA SER F 149 -33.65 20.19 -9.12
C SER F 149 -32.72 20.94 -10.09
N LEU F 150 -31.45 21.08 -9.72
CA LEU F 150 -30.41 21.81 -10.50
C LEU F 150 -30.23 21.08 -11.84
N LEU F 151 -30.00 19.77 -11.82
CA LEU F 151 -29.75 19.02 -13.07
C LEU F 151 -30.99 19.04 -13.94
N TYR F 152 -32.19 18.95 -13.35
CA TYR F 152 -33.44 19.07 -14.11
C TYR F 152 -33.50 20.44 -14.80
N ALA F 153 -33.20 21.52 -14.08
CA ALA F 153 -33.26 22.90 -14.61
C ALA F 153 -32.23 23.07 -15.76
N LEU F 154 -31.04 22.51 -15.63
CA LEU F 154 -30.01 22.59 -16.70
C LEU F 154 -30.54 21.92 -17.97
N ILE F 155 -31.17 20.75 -17.82
CA ILE F 155 -31.73 20.01 -18.98
C ILE F 155 -32.89 20.79 -19.60
N GLU F 156 -33.77 21.36 -18.79
CA GLU F 156 -34.95 22.12 -19.23
C GLU F 156 -34.48 23.38 -19.97
N GLU F 157 -33.47 24.08 -19.47
CA GLU F 157 -33.07 25.40 -20.02
C GLU F 157 -32.04 25.24 -21.14
N PHE F 158 -31.27 24.15 -21.14
CA PHE F 158 -30.17 23.89 -22.10
C PHE F 158 -30.31 22.48 -22.66
N PRO F 159 -31.41 22.16 -23.38
CA PRO F 159 -31.64 20.81 -23.86
C PRO F 159 -30.72 20.43 -25.02
N LYS F 160 -30.38 19.15 -25.17
CA LYS F 160 -29.69 18.63 -26.38
C LYS F 160 -30.68 18.58 -27.54
N PRO F 161 -30.19 18.61 -28.80
CA PRO F 161 -31.05 18.47 -29.98
C PRO F 161 -31.75 17.10 -30.03
C2 BGC G . 20.24 0.50 -2.10
C3 BGC G . 21.38 -0.47 -1.76
C4 BGC G . 22.33 -0.54 -2.93
C5 BGC G . 22.82 0.90 -3.24
C6 BGC G . 23.80 0.89 -4.41
C1 BGC G . 20.82 1.86 -2.43
O1 BGC G . 19.75 2.76 -2.74
O2 BGC G . 19.42 0.64 -0.94
O3 BGC G . 20.79 -1.73 -1.47
O4 BGC G . 23.49 -1.32 -2.60
O5 BGC G . 21.68 1.71 -3.54
O6 BGC G . 24.52 2.13 -4.45
C1 GAL G . 23.37 -2.73 -2.51
C2 GAL G . 24.72 -3.29 -2.87
C3 GAL G . 24.69 -4.82 -2.73
C4 GAL G . 24.29 -5.17 -1.30
C5 GAL G . 22.93 -4.51 -1.03
C6 GAL G . 22.39 -4.71 0.38
O2 GAL G . 25.00 -2.96 -4.21
O3 GAL G . 25.96 -5.37 -3.09
O4 GAL G . 25.27 -4.72 -0.35
O5 GAL G . 23.08 -3.12 -1.17
O6 GAL G . 21.18 -3.96 0.57
C2 BGC H . -24.22 7.15 10.50
C3 BGC H . -23.09 6.17 10.83
C4 BGC H . -22.05 6.14 9.72
C5 BGC H . -21.60 7.56 9.33
C6 BGC H . -20.73 7.56 8.08
C1 BGC H . -23.58 8.50 10.18
O1 BGC H . -24.55 9.51 9.97
O2 BGC H . -25.09 7.26 11.62
O3 BGC H . -23.74 4.89 10.93
O4 BGC H . -20.90 5.36 10.10
O5 BGC H . -22.77 8.35 9.03
O6 BGC H . -19.98 8.79 8.20
C1 GAL H . -21.09 3.96 10.12
C2 GAL H . -19.78 3.36 9.73
C3 GAL H . -19.80 1.84 9.85
C4 GAL H . -20.21 1.49 11.28
C5 GAL H . -21.57 2.16 11.56
C6 GAL H . -22.19 1.88 12.92
O2 GAL H . -19.56 3.77 8.39
O3 GAL H . -18.53 1.32 9.49
O4 GAL H . -19.20 1.91 12.22
O5 GAL H . -21.39 3.55 11.45
O6 GAL H . -23.32 2.72 13.20
C2 BGC I . -3.11 -14.01 -16.09
C3 BGC I . -3.98 -12.84 -15.61
C4 BGC I . -5.44 -13.10 -16.00
C5 BGC I . -5.91 -14.49 -15.53
C6 BGC I . -7.30 -14.84 -16.02
C1 BGC I . -3.68 -15.28 -15.51
O1 BGC I . -2.86 -16.38 -15.85
O2 BGC I . -1.75 -13.78 -15.70
O3 BGC I . -3.48 -11.66 -16.23
O4 BGC I . -6.29 -12.16 -15.39
O5 BGC I . -5.00 -15.48 -16.04
O6 BGC I . -7.75 -15.91 -15.18
C1 GAL I . -6.28 -10.84 -15.93
C2 GAL I . -7.68 -10.29 -15.74
C3 GAL I . -7.75 -8.84 -16.22
C4 GAL I . -6.70 -8.04 -15.50
C5 GAL I . -5.34 -8.71 -15.72
C6 GAL I . -4.18 -8.04 -14.99
O2 GAL I . -8.50 -11.16 -16.47
O3 GAL I . -9.05 -8.33 -15.94
O4 GAL I . -6.99 -7.99 -14.08
O5 GAL I . -5.36 -10.02 -15.20
O6 GAL I . -2.97 -8.78 -15.18
C2 BGC J . -10.76 -23.35 27.47
C3 BGC J . -10.05 -24.65 27.10
C4 BGC J . -10.33 -25.70 28.20
C5 BGC J . -11.82 -25.78 28.53
C6 BGC J . -12.04 -26.60 29.79
C1 BGC J . -12.25 -23.61 27.71
O1 BGC J . -12.86 -22.37 28.07
O2 BGC J . -10.56 -22.31 26.51
O3 BGC J . -8.64 -24.36 27.01
O4 BGC J . -9.92 -27.04 27.86
O5 BGC J . -12.43 -24.50 28.80
O6 BGC J . -13.40 -27.05 29.63
C1 GAL J . -8.52 -27.26 27.82
C2 GAL J . -8.27 -28.70 28.23
C3 GAL J . -6.80 -29.02 28.12
C4 GAL J . -6.29 -28.71 26.73
C5 GAL J . -6.64 -27.28 26.41
C6 GAL J . -6.25 -26.83 25.00
O2 GAL J . -8.61 -28.84 29.60
O3 GAL J . -6.68 -30.41 28.41
O4 GAL J . -6.93 -29.63 25.83
O5 GAL J . -8.03 -27.01 26.52
O6 GAL J . -6.64 -25.47 24.89
C2 BGC K . 35.95 15.31 -18.82
C3 BGC K . 35.03 16.50 -19.21
C4 BGC K . 35.75 17.82 -18.86
C5 BGC K . 37.14 17.84 -19.47
C6 BGC K . 37.90 19.09 -19.05
C1 BGC K . 37.32 15.45 -19.49
O1 BGC K . 38.17 14.35 -19.06
O2 BGC K . 35.35 14.04 -19.15
O3 BGC K . 33.81 16.43 -18.46
O4 BGC K . 35.09 19.00 -19.37
O5 BGC K . 37.92 16.68 -19.10
O6 BGC K . 38.92 19.18 -20.05
C1 GAL K . 33.85 19.34 -18.75
C2 GAL K . 33.70 20.85 -18.83
C3 GAL K . 32.38 21.29 -18.26
C4 GAL K . 31.25 20.55 -18.95
C5 GAL K . 31.52 19.06 -18.84
C6 GAL K . 30.45 18.22 -19.52
O2 GAL K . 34.75 21.42 -18.06
O3 GAL K . 32.20 22.70 -18.47
O4 GAL K . 31.21 20.99 -20.35
O5 GAL K . 32.76 18.74 -19.48
O6 GAL K . 30.84 16.84 -19.43
C2 BGC L . -8.65 21.89 -6.74
C3 BGC L . -9.56 23.07 -7.15
C4 BGC L . -8.86 24.39 -6.82
C5 BGC L . -7.46 24.39 -7.43
C6 BGC L . -6.67 25.63 -7.00
C1 BGC L . -7.29 22.01 -7.43
O1 BGC L . -6.44 20.93 -7.00
O2 BGC L . -9.25 20.62 -7.07
O3 BGC L . -10.79 22.92 -6.45
O4 BGC L . -9.53 25.53 -7.39
O5 BGC L . -6.68 23.25 -7.07
O6 BGC L . -5.70 25.75 -8.06
C1 GAL L . -10.78 25.87 -6.77
C2 GAL L . -10.93 27.39 -6.83
C3 GAL L . -12.24 27.84 -6.28
C4 GAL L . -13.37 27.10 -7.00
C5 GAL L . -13.12 25.61 -6.87
C6 GAL L . -14.18 24.76 -7.54
O2 GAL L . -9.95 27.97 -6.03
O3 GAL L . -12.36 29.25 -6.48
O4 GAL L . -13.40 27.55 -8.38
O5 GAL L . -11.86 25.28 -7.48
O6 GAL L . -13.76 23.41 -7.45
#